data_2HJH
#
_entry.id   2HJH
#
_cell.length_a   52.353
_cell.length_b   89.566
_cell.length_c   94.510
_cell.angle_alpha   90.00
_cell.angle_beta   104.95
_cell.angle_gamma   90.00
#
_symmetry.space_group_name_H-M   'P 1 21 1'
#
loop_
_entity.id
_entity.type
_entity.pdbx_description
1 polymer 'NAD-dependent histone deacetylase SIR2'
2 non-polymer 'ZINC ION'
3 non-polymer '(2R,3R,4S,5R)-5-({[(R)-{[(R)-{[(2R,3S,4R,5R)-5-(6-AMINO-9H-PURIN-9-YL)-3,4-DIHYDROXYTETRAHYDROFURAN-2-YL]METHOXY}(HYDROXY)PHOSPHORYL]OXY}(HYDROXY)PHOSPHORYL]OXY}METHYL)-3,4-DIHYDROXYTETRAHYDROFURAN-2-YL ACETATE'
4 non-polymer NICOTINAMIDE
5 water water
#
_entity_poly.entity_id   1
_entity_poly.type   'polypeptide(L)'
_entity_poly.pdbx_seq_one_letter_code
;EDPLAKKQTVRLIKDLQRAINKVLCTRLRLSNFFTIDHFIQKLHTARKILVLTGAGVSTSLGIPDFRSSEGFYSKIKHLG
LDDPQDVFNYNIF(MSE)HDPSVFYNIAN(MSE)VLPPEKIYSPLHSFIK(MSE)LQ(MSE)KGKLLRNYTQNIDNLESY
AGISTDKLVQCHGSFATATCVTCHWNLPGERIFNKIRNLELPLCPYCYKKRREYFPEGYNNKVGVAASQGS(MSE)SERP
PYILNSYGVLKPDITFFGEALPNKFHKSIREDILECDLLICIGTSLKVAPVSEIVN(MSE)VPSHVPQVLINRDPVKHAE
FDLSLLGYCDDIAA(MSE)VAQKCGWTIPHKKWNDLKNKNFKCQEKDKGVYVVTSDEHPKTL
;
_entity_poly.pdbx_strand_id   A,B
#
loop_
_chem_comp.id
_chem_comp.type
_chem_comp.name
_chem_comp.formula
NCA non-polymer NICOTINAMIDE 'C6 H6 N2 O'
XYQ non-polymer '(2R,3R,4S,5R)-5-({[(R)-{[(R)-{[(2R,3S,4R,5R)-5-(6-AMINO-9H-PURIN-9-YL)-3,4-DIHYDROXYTETRAHYDROFURAN-2-YL]METHOXY}(HYDROXY)PHOSPHORYL]OXY}(HYDROXY)PHOSPHORYL]OXY}METHYL)-3,4-DIHYDROXYTETRAHYDROFURAN-2-YL ACETATE' 'C17 H25 N5 O15 P2'
ZN non-polymer 'ZINC ION' 'Zn 2'
#
# COMPACT_ATOMS: atom_id res chain seq x y z
N ASP A 2 -7.50 -8.82 -1.90
CA ASP A 2 -8.10 -9.92 -1.08
C ASP A 2 -7.48 -9.93 0.35
N PRO A 3 -6.14 -10.01 0.48
CA PRO A 3 -5.50 -9.68 1.76
C PRO A 3 -5.94 -8.30 2.25
N LEU A 4 -6.15 -8.24 3.56
CA LEU A 4 -6.52 -7.02 4.23
C LEU A 4 -5.45 -5.99 3.83
N ALA A 5 -5.93 -4.78 3.51
CA ALA A 5 -5.08 -3.75 2.91
C ALA A 5 -5.45 -2.40 3.48
N LYS A 6 -4.48 -1.48 3.41
CA LYS A 6 -4.69 -0.06 3.55
C LYS A 6 -4.27 0.71 2.26
N LYS A 7 -4.61 1.98 2.25
CA LYS A 7 -4.38 2.85 1.09
C LYS A 7 -2.92 3.27 1.15
N GLN A 8 -2.25 3.18 0.02
CA GLN A 8 -0.90 3.69 -0.09
C GLN A 8 -0.86 4.65 -1.29
N THR A 9 -0.40 5.86 -1.08
CA THR A 9 -0.23 6.80 -2.19
C THR A 9 0.75 6.33 -3.25
N VAL A 10 0.29 6.43 -4.50
CA VAL A 10 1.08 6.12 -5.65
C VAL A 10 1.97 7.30 -5.90
N ARG A 11 3.26 7.05 -6.07
CA ARG A 11 4.23 8.14 -6.30
C ARG A 11 4.08 8.53 -7.76
N LEU A 12 3.89 9.80 -8.02
CA LEU A 12 3.62 10.31 -9.39
C LEU A 12 4.90 10.84 -10.18
N ILE A 13 6.08 10.48 -9.71
CA ILE A 13 7.36 10.86 -10.29
C ILE A 13 7.79 9.71 -11.13
N LYS A 14 8.05 9.95 -12.45
CA LYS A 14 8.69 8.99 -13.34
C LYS A 14 9.95 8.35 -12.83
N ASP A 15 9.91 6.97 -12.62
CA ASP A 15 11.03 6.29 -11.98
C ASP A 15 11.21 4.92 -12.58
N LEU A 16 12.43 4.63 -12.97
CA LEU A 16 12.86 3.39 -13.61
C LEU A 16 12.98 2.36 -12.57
N GLN A 17 12.20 1.31 -12.72
CA GLN A 17 11.97 0.30 -11.67
C GLN A 17 12.62 -1.07 -11.96
N VAL A 23 10.75 -6.74 -4.31
CA VAL A 23 9.81 -6.36 -5.36
C VAL A 23 8.55 -7.21 -5.32
N LEU A 24 8.71 -8.49 -5.01
CA LEU A 24 8.11 -9.55 -5.81
C LEU A 24 6.63 -9.26 -6.06
N CYS A 25 6.13 -9.78 -7.19
CA CYS A 25 4.75 -9.49 -7.60
C CYS A 25 3.75 -10.30 -6.79
N THR A 26 2.64 -9.67 -6.43
CA THR A 26 1.74 -10.22 -5.42
C THR A 26 0.47 -10.78 -6.06
N ARG A 27 0.23 -10.41 -7.32
CA ARG A 27 -1.03 -10.71 -7.98
C ARG A 27 -1.21 -12.19 -8.12
N LEU A 28 -2.42 -12.71 -7.89
CA LEU A 28 -2.74 -14.07 -8.20
C LEU A 28 -3.49 -14.22 -9.55
N ARG A 29 -2.99 -15.11 -10.40
CA ARG A 29 -3.54 -15.31 -11.71
C ARG A 29 -4.94 -15.88 -11.58
N LEU A 30 -5.83 -15.53 -12.50
CA LEU A 30 -7.19 -16.04 -12.54
C LEU A 30 -7.20 -17.53 -12.95
N SER A 31 -7.86 -18.36 -12.13
CA SER A 31 -7.96 -19.82 -12.43
C SER A 31 -8.82 -20.11 -13.66
N ASN A 32 -9.77 -19.21 -13.95
CA ASN A 32 -10.67 -19.38 -15.08
C ASN A 32 -10.36 -18.39 -16.21
N PHE A 33 -9.14 -18.44 -16.72
CA PHE A 33 -8.71 -17.52 -17.77
C PHE A 33 -7.21 -17.62 -18.02
N PHE A 34 -6.85 -18.28 -19.12
CA PHE A 34 -5.48 -18.72 -19.33
C PHE A 34 -5.30 -19.30 -20.73
N THR A 35 -6.41 -19.43 -21.46
CA THR A 35 -6.35 -19.79 -22.87
C THR A 35 -6.53 -18.57 -23.77
N ILE A 36 -6.34 -18.76 -25.08
CA ILE A 36 -6.66 -17.72 -26.05
C ILE A 36 -8.16 -17.56 -26.23
N ASP A 37 -8.88 -18.69 -26.21
CA ASP A 37 -10.34 -18.68 -26.30
C ASP A 37 -10.98 -17.87 -25.10
N HIS A 38 -10.41 -17.93 -23.89
CA HIS A 38 -10.96 -17.13 -22.76
C HIS A 38 -10.85 -15.66 -23.17
N PHE A 39 -9.76 -15.32 -23.84
CA PHE A 39 -9.50 -13.92 -24.24
C PHE A 39 -10.48 -13.48 -25.36
N ILE A 40 -10.69 -14.34 -26.35
CA ILE A 40 -11.62 -14.03 -27.42
C ILE A 40 -13.01 -13.80 -26.86
N GLN A 41 -13.47 -14.68 -25.93
CA GLN A 41 -14.81 -14.61 -25.31
C GLN A 41 -14.91 -13.33 -24.57
N LYS A 42 -13.87 -12.98 -23.81
CA LYS A 42 -13.90 -11.73 -23.02
C LYS A 42 -13.94 -10.45 -23.89
N LEU A 43 -13.21 -10.48 -24.98
CA LEU A 43 -13.27 -9.35 -25.88
C LEU A 43 -14.67 -9.09 -26.39
N HIS A 44 -15.43 -10.14 -26.73
CA HIS A 44 -16.82 -9.99 -27.13
C HIS A 44 -17.71 -9.27 -26.10
N THR A 45 -17.50 -9.57 -24.82
CA THR A 45 -18.35 -9.00 -23.83
C THR A 45 -17.78 -7.74 -23.16
N ALA A 46 -16.48 -7.50 -23.21
CA ALA A 46 -15.92 -6.34 -22.46
C ALA A 46 -16.34 -5.05 -23.05
N ARG A 47 -16.54 -4.07 -22.17
CA ARG A 47 -17.00 -2.74 -22.54
C ARG A 47 -16.06 -1.61 -22.10
N LYS A 48 -15.10 -1.90 -21.23
CA LYS A 48 -14.27 -0.87 -20.54
C LYS A 48 -12.85 -1.40 -20.50
N ILE A 49 -12.29 -1.63 -21.70
CA ILE A 49 -10.96 -2.18 -21.82
C ILE A 49 -9.89 -1.07 -21.66
N LEU A 50 -8.95 -1.28 -20.73
CA LEU A 50 -7.71 -0.49 -20.60
C LEU A 50 -6.57 -1.11 -21.40
N VAL A 51 -6.06 -0.36 -22.38
CA VAL A 51 -4.90 -0.79 -23.13
C VAL A 51 -3.73 0.09 -22.72
N LEU A 52 -2.66 -0.55 -22.30
CA LEU A 52 -1.40 0.09 -21.91
C LEU A 52 -0.32 -0.25 -22.88
N THR A 53 0.24 0.74 -23.55
CA THR A 53 1.22 0.45 -24.61
C THR A 53 2.57 1.06 -24.29
N GLY A 54 3.56 0.52 -24.99
CA GLY A 54 4.90 1.10 -24.96
C GLY A 54 5.48 1.06 -26.33
N ALA A 55 6.78 1.18 -26.36
CA ALA A 55 7.45 1.50 -27.62
C ALA A 55 7.41 0.35 -28.64
N GLY A 56 7.08 -0.85 -28.20
CA GLY A 56 6.98 -1.98 -29.11
C GLY A 56 5.87 -1.83 -30.13
N VAL A 57 4.90 -0.97 -29.82
CA VAL A 57 3.86 -0.73 -30.80
C VAL A 57 4.22 0.10 -32.03
N SER A 58 5.40 0.68 -32.04
CA SER A 58 5.79 1.41 -33.20
C SER A 58 7.07 0.86 -33.86
N THR A 59 7.66 -0.20 -33.37
CA THR A 59 8.84 -0.73 -34.05
C THR A 59 8.56 -1.23 -35.48
N SER A 60 7.35 -1.73 -35.75
CA SER A 60 6.95 -2.03 -37.13
C SER A 60 6.97 -0.88 -38.13
N LEU A 61 6.99 0.32 -37.61
CA LEU A 61 7.01 1.51 -38.43
C LEU A 61 8.46 2.00 -38.66
N GLY A 62 9.45 1.27 -38.15
CA GLY A 62 10.83 1.68 -38.21
C GLY A 62 11.29 2.59 -37.07
N ILE A 63 10.52 2.70 -35.99
CA ILE A 63 10.90 3.49 -34.85
C ILE A 63 11.50 2.54 -33.77
N PRO A 64 12.75 2.80 -33.40
CA PRO A 64 13.42 1.95 -32.41
C PRO A 64 12.69 1.97 -31.12
N ASP A 65 12.60 0.84 -30.47
CA ASP A 65 12.16 0.95 -29.09
C ASP A 65 13.37 1.46 -28.26
N PHE A 66 13.28 1.41 -26.93
CA PHE A 66 14.41 1.75 -26.07
C PHE A 66 15.46 0.66 -25.82
N ARG A 67 15.04 -0.53 -25.40
CA ARG A 67 16.06 -1.46 -24.93
C ARG A 67 16.36 -2.72 -25.74
N SER A 68 15.77 -2.83 -26.90
CA SER A 68 16.18 -3.92 -27.82
C SER A 68 17.60 -3.67 -28.29
N SER A 69 18.14 -4.65 -29.00
CA SER A 69 19.54 -4.62 -29.45
C SER A 69 19.85 -3.59 -30.54
N GLU A 70 18.83 -3.13 -31.26
CA GLU A 70 19.00 -1.94 -32.12
C GLU A 70 18.12 -0.72 -31.67
N GLY A 71 17.66 -0.78 -30.43
CA GLY A 71 16.92 0.30 -29.82
C GLY A 71 17.70 1.59 -29.53
N PHE A 72 16.98 2.59 -29.01
CA PHE A 72 17.57 3.90 -28.77
C PHE A 72 18.82 3.81 -27.88
N TYR A 73 18.76 3.06 -26.76
CA TYR A 73 19.93 2.99 -25.87
C TYR A 73 21.20 2.41 -26.56
N SER A 74 20.98 1.57 -27.57
CA SER A 74 22.05 0.98 -28.35
C SER A 74 22.71 2.04 -29.23
N LYS A 75 21.93 2.97 -29.76
CA LYS A 75 22.45 4.00 -30.62
C LYS A 75 23.17 5.17 -29.90
N ILE A 76 23.04 5.26 -28.60
CA ILE A 76 23.80 6.26 -27.83
C ILE A 76 24.87 5.61 -26.93
N LYS A 77 25.26 4.36 -27.22
CA LYS A 77 26.30 3.69 -26.47
C LYS A 77 27.58 4.46 -26.50
N HIS A 78 27.86 5.11 -27.61
CA HIS A 78 29.06 5.91 -27.84
C HIS A 78 29.20 7.06 -26.82
N LEU A 79 28.09 7.45 -26.20
CA LEU A 79 28.15 8.47 -25.13
C LEU A 79 28.86 8.00 -23.89
N GLY A 80 28.91 6.68 -23.72
CA GLY A 80 29.56 6.01 -22.61
C GLY A 80 28.91 6.29 -21.27
N LEU A 81 27.58 6.44 -21.24
CA LEU A 81 26.91 6.69 -19.95
C LEU A 81 26.79 5.39 -19.19
N ASP A 82 26.97 5.47 -17.88
CA ASP A 82 26.63 4.39 -16.94
C ASP A 82 25.19 3.93 -17.02
N ASP A 83 24.28 4.87 -17.19
CA ASP A 83 22.88 4.54 -17.41
C ASP A 83 22.44 5.41 -18.56
N PRO A 84 22.18 4.83 -19.72
CA PRO A 84 21.83 5.66 -20.88
C PRO A 84 20.50 6.40 -20.72
N GLN A 85 19.69 6.02 -19.75
CA GLN A 85 18.45 6.76 -19.40
C GLN A 85 18.73 8.14 -18.90
N ASP A 86 19.97 8.42 -18.51
CA ASP A 86 20.30 9.70 -17.98
C ASP A 86 20.13 10.82 -19.00
N VAL A 87 20.14 10.55 -20.32
CA VAL A 87 19.94 11.62 -21.24
C VAL A 87 18.44 12.23 -21.05
N PHE A 88 17.55 11.43 -20.46
CA PHE A 88 16.15 11.79 -20.21
C PHE A 88 15.95 12.00 -18.72
N ASN A 89 17.03 12.29 -17.98
CA ASN A 89 16.85 12.47 -16.51
C ASN A 89 16.60 13.92 -16.27
N TYR A 90 15.66 14.16 -15.35
CA TYR A 90 15.21 15.50 -15.12
C TYR A 90 16.25 16.36 -14.37
N ASN A 91 16.93 15.80 -13.36
CA ASN A 91 17.97 16.52 -12.62
C ASN A 91 19.10 16.92 -13.52
N ILE A 92 19.44 16.01 -14.42
CA ILE A 92 20.40 16.33 -15.41
C ILE A 92 19.93 17.46 -16.27
N PHE A 93 18.70 17.45 -16.74
CA PHE A 93 18.16 18.55 -17.50
C PHE A 93 18.27 19.88 -16.77
N MSE A 94 17.83 19.92 -15.52
CA MSE A 94 17.74 21.15 -14.78
C MSE A 94 19.17 21.69 -14.59
O MSE A 94 19.39 22.91 -14.46
CB MSE A 94 17.04 20.93 -13.43
CG MSE A 94 15.49 20.73 -13.47
SE MSE A 94 14.54 21.96 -14.73
CE MSE A 94 14.73 23.45 -13.51
N HIS A 95 20.14 20.81 -14.46
CA HIS A 95 21.48 21.20 -14.23
C HIS A 95 22.25 21.54 -15.51
N ASP A 96 21.92 20.84 -16.60
CA ASP A 96 22.67 20.93 -17.87
C ASP A 96 21.91 20.41 -19.10
N PRO A 97 21.05 21.26 -19.65
CA PRO A 97 20.13 20.84 -20.67
C PRO A 97 20.80 20.44 -22.00
N SER A 98 22.09 20.74 -22.19
CA SER A 98 22.81 20.41 -23.44
C SER A 98 22.94 18.90 -23.55
N VAL A 99 22.83 18.15 -22.44
CA VAL A 99 22.98 16.67 -22.48
C VAL A 99 21.78 16.10 -23.21
N PHE A 100 20.58 16.47 -22.76
CA PHE A 100 19.35 16.12 -23.55
C PHE A 100 19.34 16.69 -24.99
N TYR A 101 19.65 17.97 -25.11
CA TYR A 101 19.63 18.61 -26.42
C TYR A 101 20.59 18.11 -27.43
N ASN A 102 21.61 17.39 -27.00
CA ASN A 102 22.47 16.70 -27.96
C ASN A 102 21.79 15.54 -28.64
N ILE A 103 20.86 14.90 -27.92
CA ILE A 103 20.20 13.68 -28.41
C ILE A 103 18.76 13.92 -28.82
N ALA A 104 18.18 15.09 -28.51
CA ALA A 104 16.74 15.26 -28.70
C ALA A 104 16.31 15.04 -30.14
N ASN A 105 17.17 15.41 -31.09
CA ASN A 105 16.85 15.23 -32.50
C ASN A 105 16.47 13.75 -32.79
N MSE A 106 17.02 12.82 -32.00
CA MSE A 106 16.83 11.40 -32.31
C MSE A 106 15.46 10.92 -31.88
O MSE A 106 15.04 9.86 -32.33
CB MSE A 106 17.90 10.54 -31.61
CG MSE A 106 19.25 10.75 -32.13
SE MSE A 106 20.66 9.99 -30.84
CE MSE A 106 20.58 8.15 -31.76
N VAL A 107 14.79 11.65 -31.02
CA VAL A 107 13.49 11.24 -30.53
C VAL A 107 12.34 12.11 -31.00
N LEU A 108 12.58 13.03 -31.92
CA LEU A 108 11.47 13.72 -32.57
C LEU A 108 10.61 12.70 -33.35
N PRO A 109 9.31 12.79 -33.27
CA PRO A 109 8.42 11.81 -33.94
C PRO A 109 8.32 11.95 -35.47
N PRO A 110 8.10 10.90 -36.28
CA PRO A 110 7.64 11.11 -37.67
C PRO A 110 6.22 11.54 -37.60
N GLU A 111 5.60 11.84 -38.71
CA GLU A 111 4.13 12.11 -38.71
C GLU A 111 3.38 11.21 -39.62
N LYS A 112 2.05 11.24 -39.46
CA LYS A 112 1.11 10.63 -40.35
C LYS A 112 1.39 9.18 -40.70
N ILE A 113 1.91 8.37 -39.76
CA ILE A 113 2.00 6.89 -39.97
C ILE A 113 1.45 6.22 -38.68
N TYR A 114 0.98 4.98 -38.72
CA TYR A 114 0.52 4.26 -37.50
C TYR A 114 0.48 2.77 -37.96
N SER A 115 0.51 1.89 -37.00
CA SER A 115 0.70 0.45 -37.19
C SER A 115 -0.67 -0.18 -37.12
N PRO A 116 -0.78 -1.44 -37.57
CA PRO A 116 -2.00 -2.22 -37.32
C PRO A 116 -2.42 -2.32 -35.83
N LEU A 117 -1.48 -2.31 -34.91
CA LEU A 117 -1.84 -2.37 -33.49
C LEU A 117 -2.48 -1.08 -33.05
N HIS A 118 -1.94 0.05 -33.48
CA HIS A 118 -2.66 1.31 -33.25
C HIS A 118 -4.10 1.23 -33.83
N SER A 119 -4.28 0.70 -35.07
CA SER A 119 -5.63 0.62 -35.57
C SER A 119 -6.54 -0.37 -34.78
N PHE A 120 -5.96 -1.41 -34.17
CA PHE A 120 -6.70 -2.35 -33.35
C PHE A 120 -7.24 -1.59 -32.18
N ILE A 121 -6.48 -0.65 -31.64
CA ILE A 121 -7.01 0.16 -30.52
C ILE A 121 -8.19 1.05 -30.96
N LYS A 122 -8.05 1.70 -32.08
CA LYS A 122 -9.10 2.48 -32.68
C LYS A 122 -10.30 1.61 -33.00
N MSE A 123 -10.06 0.39 -33.47
CA MSE A 123 -11.15 -0.56 -33.68
C MSE A 123 -11.96 -0.76 -32.41
O MSE A 123 -13.19 -0.64 -32.43
CB MSE A 123 -10.59 -1.90 -34.16
CG MSE A 123 -11.64 -2.98 -34.36
SE MSE A 123 -10.90 -4.78 -34.37
CE MSE A 123 -10.18 -4.81 -32.55
N LEU A 124 -11.29 -1.07 -31.31
CA LEU A 124 -11.93 -1.16 -30.01
C LEU A 124 -12.75 0.10 -29.70
N GLN A 125 -12.15 1.26 -29.97
CA GLN A 125 -12.80 2.53 -29.68
C GLN A 125 -14.15 2.64 -30.39
N MSE A 126 -14.18 2.27 -31.66
CA MSE A 126 -15.35 2.51 -32.50
C MSE A 126 -16.37 1.39 -32.33
O MSE A 126 -17.47 1.46 -32.87
CB MSE A 126 -14.93 2.62 -33.97
CG MSE A 126 -14.35 1.34 -34.56
SE MSE A 126 -13.40 1.64 -36.22
CE MSE A 126 -13.46 -0.17 -36.95
N LYS A 127 -16.02 0.37 -31.56
CA LYS A 127 -16.97 -0.64 -31.13
C LYS A 127 -17.53 -0.34 -29.74
N GLY A 128 -17.15 0.79 -29.17
CA GLY A 128 -17.57 1.21 -27.81
C GLY A 128 -16.95 0.48 -26.63
N LYS A 129 -15.79 -0.11 -26.84
CA LYS A 129 -15.14 -0.96 -25.87
C LYS A 129 -13.84 -0.41 -25.24
N LEU A 130 -13.37 0.75 -25.68
CA LEU A 130 -12.13 1.30 -25.18
C LEU A 130 -12.40 2.24 -24.06
N LEU A 131 -12.06 1.85 -22.82
CA LEU A 131 -12.12 2.81 -21.78
C LEU A 131 -11.01 3.85 -21.87
N ARG A 132 -9.79 3.38 -22.17
CA ARG A 132 -8.61 4.25 -22.24
C ARG A 132 -7.43 3.52 -22.83
N ASN A 133 -6.61 4.25 -23.59
CA ASN A 133 -5.29 3.82 -23.99
C ASN A 133 -4.31 4.63 -23.26
N TYR A 134 -3.71 4.02 -22.19
CA TYR A 134 -2.53 4.60 -21.54
C TYR A 134 -1.31 4.27 -22.40
N THR A 135 -0.70 5.29 -22.98
CA THR A 135 0.50 5.07 -23.74
C THR A 135 1.75 5.72 -23.10
N GLN A 136 2.90 5.06 -23.17
CA GLN A 136 4.16 5.63 -22.66
C GLN A 136 4.92 6.31 -23.81
N ASN A 137 4.38 6.16 -24.99
CA ASN A 137 5.04 6.66 -26.21
C ASN A 137 4.84 8.16 -26.36
N ILE A 138 5.90 8.82 -26.83
CA ILE A 138 5.86 10.22 -27.12
C ILE A 138 5.73 10.44 -28.62
N ASP A 139 5.53 9.38 -29.41
CA ASP A 139 5.54 9.55 -30.84
C ASP A 139 4.29 10.17 -31.39
N ASN A 140 3.28 10.29 -30.53
CA ASN A 140 2.00 10.87 -30.89
C ASN A 140 1.29 10.20 -32.06
N LEU A 141 1.54 8.89 -32.34
CA LEU A 141 0.95 8.26 -33.50
C LEU A 141 -0.48 7.81 -33.30
N GLU A 142 -0.94 7.77 -32.03
CA GLU A 142 -2.30 7.40 -31.73
C GLU A 142 -3.32 8.38 -32.32
N SER A 143 -2.96 9.65 -32.38
CA SER A 143 -3.78 10.68 -32.95
C SER A 143 -4.05 10.41 -34.42
N TYR A 144 -2.99 10.14 -35.18
CA TYR A 144 -3.10 9.77 -36.60
C TYR A 144 -3.92 8.53 -36.84
N ALA A 145 -3.82 7.56 -35.95
CA ALA A 145 -4.64 6.36 -36.05
C ALA A 145 -6.11 6.55 -35.71
N GLY A 146 -6.52 7.73 -35.20
CA GLY A 146 -7.92 8.05 -34.92
C GLY A 146 -8.35 7.81 -33.47
N ILE A 147 -7.37 7.50 -32.65
CA ILE A 147 -7.69 7.32 -31.23
C ILE A 147 -7.96 8.75 -30.67
N SER A 148 -9.05 8.91 -29.95
CA SER A 148 -9.50 10.19 -29.56
C SER A 148 -8.66 10.78 -28.43
N THR A 149 -8.67 12.11 -28.34
CA THR A 149 -7.90 12.75 -27.27
C THR A 149 -8.51 12.40 -25.93
N ASP A 150 -9.82 12.30 -25.87
CA ASP A 150 -10.47 11.89 -24.64
C ASP A 150 -10.06 10.47 -24.24
N LYS A 151 -9.89 9.56 -25.22
CA LYS A 151 -9.56 8.19 -24.92
C LYS A 151 -8.06 7.93 -24.66
N LEU A 152 -7.20 8.91 -24.96
CA LEU A 152 -5.74 8.72 -24.93
C LEU A 152 -5.18 9.38 -23.65
N VAL A 153 -4.32 8.66 -22.92
CA VAL A 153 -3.52 9.28 -21.91
C VAL A 153 -2.05 9.11 -22.35
N GLN A 154 -1.43 10.25 -22.64
CA GLN A 154 0.01 10.28 -22.97
C GLN A 154 0.70 10.39 -21.61
N CYS A 155 0.98 9.23 -21.02
CA CYS A 155 1.46 9.12 -19.62
C CYS A 155 2.80 9.85 -19.43
N HIS A 156 3.60 9.90 -20.50
CA HIS A 156 4.92 10.50 -20.47
C HIS A 156 5.03 11.70 -21.37
N GLY A 157 3.87 12.30 -21.59
CA GLY A 157 3.75 13.50 -22.42
C GLY A 157 4.10 13.33 -23.88
N SER A 158 4.42 14.47 -24.50
CA SER A 158 4.75 14.46 -25.92
C SER A 158 5.45 15.79 -26.26
N PHE A 159 5.84 15.91 -27.51
CA PHE A 159 6.38 17.16 -28.06
C PHE A 159 5.35 18.18 -28.46
N ALA A 160 4.09 17.97 -28.09
CA ALA A 160 3.04 18.86 -28.50
C ALA A 160 3.27 20.28 -28.07
N THR A 161 3.85 20.41 -26.88
CA THR A 161 4.05 21.70 -26.23
C THR A 161 5.40 21.64 -25.58
N ALA A 162 5.95 22.80 -25.33
CA ALA A 162 7.18 22.98 -24.63
C ALA A 162 6.94 24.10 -23.65
N THR A 163 7.70 24.07 -22.56
CA THR A 163 7.51 24.97 -21.46
C THR A 163 8.83 25.61 -20.95
N CYS A 164 8.86 26.92 -20.68
CA CYS A 164 10.03 27.51 -20.05
C CYS A 164 10.17 27.00 -18.62
N VAL A 165 11.30 26.45 -18.24
CA VAL A 165 11.43 25.96 -16.85
C VAL A 165 11.51 27.03 -15.77
N THR A 166 11.71 28.26 -16.15
CA THR A 166 11.77 29.38 -15.22
C THR A 166 10.43 30.13 -15.04
N CYS A 167 9.85 30.61 -16.15
CA CYS A 167 8.66 31.43 -16.13
C CYS A 167 7.40 30.65 -16.51
N HIS A 168 7.55 29.44 -16.99
CA HIS A 168 6.40 28.59 -17.32
C HIS A 168 5.62 28.98 -18.53
N TRP A 169 6.13 29.91 -19.30
CA TRP A 169 5.55 30.16 -20.62
C TRP A 169 5.46 28.82 -21.42
N ASN A 170 4.34 28.57 -22.07
CA ASN A 170 4.00 27.31 -22.82
C ASN A 170 3.82 27.69 -24.31
N LEU A 171 4.38 26.91 -25.20
CA LEU A 171 4.30 27.19 -26.62
C LEU A 171 4.13 25.87 -27.37
N PRO A 172 3.68 25.91 -28.63
CA PRO A 172 3.70 24.69 -29.44
C PRO A 172 5.05 24.09 -29.59
N GLY A 173 5.07 22.79 -29.46
CA GLY A 173 6.35 22.15 -29.33
C GLY A 173 7.11 22.26 -30.58
N GLU A 174 6.40 22.33 -31.75
CA GLU A 174 7.03 22.47 -33.04
C GLU A 174 7.91 23.74 -33.27
N ARG A 175 7.69 24.79 -32.50
CA ARG A 175 8.50 25.99 -32.53
C ARG A 175 9.97 25.73 -32.10
N ILE A 176 10.27 24.63 -31.39
CA ILE A 176 11.64 24.33 -31.05
C ILE A 176 12.31 23.24 -31.89
N PHE A 177 11.61 22.67 -32.88
CA PHE A 177 12.16 21.54 -33.57
C PHE A 177 13.44 21.89 -34.39
N ASN A 178 13.47 23.08 -34.99
CA ASN A 178 14.62 23.51 -35.78
C ASN A 178 15.83 23.75 -34.88
N LYS A 179 15.63 24.26 -33.70
CA LYS A 179 16.71 24.34 -32.74
C LYS A 179 17.20 22.90 -32.33
N ILE A 180 16.24 21.99 -32.08
CA ILE A 180 16.57 20.60 -31.75
C ILE A 180 17.40 19.97 -32.86
N ARG A 181 17.02 20.23 -34.09
CA ARG A 181 17.70 19.61 -35.22
C ARG A 181 19.11 20.12 -35.38
N ASN A 182 19.32 21.36 -34.98
CA ASN A 182 20.67 21.96 -34.96
C ASN A 182 21.46 21.84 -33.69
N LEU A 183 21.01 21.00 -32.79
CA LEU A 183 21.64 20.80 -31.49
C LEU A 183 21.80 22.08 -30.65
N GLU A 184 20.87 23.01 -30.76
CA GLU A 184 20.94 24.28 -30.01
C GLU A 184 19.97 24.28 -28.84
N LEU A 185 20.28 25.05 -27.79
CA LEU A 185 19.33 25.23 -26.69
C LEU A 185 18.20 26.16 -27.10
N PRO A 186 16.96 25.74 -27.01
CA PRO A 186 15.85 26.69 -27.25
C PRO A 186 15.56 27.55 -26.04
N LEU A 187 15.66 28.84 -26.26
CA LEU A 187 15.62 29.78 -25.16
C LEU A 187 14.29 30.43 -25.11
N CYS A 188 13.87 30.73 -23.90
CA CYS A 188 12.68 31.50 -23.68
C CYS A 188 12.82 32.94 -24.03
N PRO A 189 11.90 33.46 -24.86
CA PRO A 189 12.00 34.87 -25.24
C PRO A 189 11.71 35.86 -24.15
N TYR A 190 10.95 35.48 -23.12
CA TYR A 190 10.67 36.35 -21.99
C TYR A 190 11.80 36.36 -20.95
N CYS A 191 12.44 35.23 -20.73
CA CYS A 191 13.55 35.13 -19.76
C CYS A 191 14.90 35.58 -20.44
N TYR A 192 14.87 35.85 -21.73
CA TYR A 192 16.10 35.95 -22.48
C TYR A 192 17.02 37.10 -22.00
N LYS A 193 16.43 38.21 -21.64
CA LYS A 193 17.15 39.35 -21.16
C LYS A 193 17.94 38.94 -19.89
N LYS A 194 17.28 38.33 -18.92
CA LYS A 194 18.01 37.87 -17.75
C LYS A 194 18.98 36.75 -18.11
N ARG A 195 18.58 35.85 -19.00
CA ARG A 195 19.45 34.77 -19.46
C ARG A 195 20.77 35.30 -20.00
N ARG A 196 20.69 36.29 -20.87
CA ARG A 196 21.86 36.87 -21.48
C ARG A 196 22.74 37.61 -20.49
N GLU A 197 22.13 38.18 -19.45
CA GLU A 197 22.91 38.76 -18.36
C GLU A 197 23.72 37.71 -17.63
N TYR A 198 23.08 36.60 -17.28
CA TYR A 198 23.75 35.53 -16.57
C TYR A 198 24.69 34.71 -17.44
N PHE A 199 24.34 34.51 -18.71
CA PHE A 199 25.09 33.68 -19.62
C PHE A 199 25.54 34.49 -20.86
N PRO A 200 26.45 35.45 -20.69
CA PRO A 200 26.86 36.33 -21.79
C PRO A 200 27.61 35.70 -23.05
N GLU A 218 30.28 37.44 -12.20
CA GLU A 218 28.95 38.02 -12.01
C GLU A 218 27.89 36.95 -11.74
N ARG A 219 27.65 35.96 -12.64
CA ARG A 219 26.52 35.02 -12.41
C ARG A 219 26.59 34.34 -11.02
N PRO A 220 25.54 34.43 -10.18
CA PRO A 220 25.56 33.74 -8.87
C PRO A 220 25.61 32.22 -9.03
N PRO A 221 26.23 31.49 -8.09
CA PRO A 221 26.41 30.04 -8.23
C PRO A 221 25.12 29.22 -8.13
N TYR A 222 24.05 29.84 -7.66
CA TYR A 222 22.75 29.19 -7.48
C TYR A 222 21.84 29.38 -8.72
N ILE A 223 22.33 30.02 -9.80
CA ILE A 223 21.59 30.03 -11.05
C ILE A 223 21.98 28.80 -11.83
N LEU A 224 21.03 27.99 -12.23
CA LEU A 224 21.34 26.78 -12.92
C LEU A 224 21.47 27.02 -14.41
N ASN A 225 22.11 26.09 -15.08
CA ASN A 225 22.28 26.18 -16.53
C ASN A 225 21.00 26.12 -17.35
N SER A 226 19.92 25.62 -16.74
CA SER A 226 18.58 25.57 -17.32
C SER A 226 17.81 26.89 -17.25
N TYR A 227 18.42 27.94 -16.66
CA TYR A 227 17.70 29.23 -16.50
C TYR A 227 17.14 29.73 -17.83
N GLY A 228 15.84 29.92 -17.94
CA GLY A 228 15.26 30.44 -19.21
C GLY A 228 15.38 29.53 -20.47
N VAL A 229 15.51 28.24 -20.22
CA VAL A 229 15.49 27.20 -21.23
C VAL A 229 14.14 26.58 -21.36
N LEU A 230 13.67 26.46 -22.61
CA LEU A 230 12.49 25.67 -22.90
C LEU A 230 12.77 24.17 -22.86
N LYS A 231 11.81 23.44 -22.27
CA LYS A 231 11.82 21.98 -22.14
C LYS A 231 10.60 21.38 -22.87
N PRO A 232 10.75 20.37 -23.74
CA PRO A 232 9.54 19.78 -24.31
C PRO A 232 8.78 19.12 -23.21
N ASP A 233 7.47 19.14 -23.34
CA ASP A 233 6.57 18.58 -22.30
C ASP A 233 6.41 17.05 -22.34
N ILE A 234 7.53 16.37 -22.58
CA ILE A 234 7.70 15.02 -22.27
C ILE A 234 8.19 14.84 -20.82
N THR A 235 7.81 13.73 -20.25
CA THR A 235 8.11 13.48 -18.84
C THR A 235 9.53 12.87 -18.73
N PHE A 236 10.40 13.57 -17.96
CA PHE A 236 11.74 13.05 -17.73
C PHE A 236 11.72 12.15 -16.48
N PHE A 237 12.72 11.29 -16.35
CA PHE A 237 12.92 10.50 -15.18
C PHE A 237 13.18 11.44 -14.01
N GLY A 238 12.42 11.26 -12.93
CA GLY A 238 12.44 12.15 -11.84
C GLY A 238 11.51 13.33 -11.89
N GLU A 239 10.71 13.46 -12.95
CA GLU A 239 9.71 14.53 -13.08
C GLU A 239 8.30 13.96 -12.81
N ALA A 240 7.41 14.79 -12.28
CA ALA A 240 6.00 14.43 -12.22
C ALA A 240 5.35 14.20 -13.55
N LEU A 241 4.46 13.21 -13.61
CA LEU A 241 3.67 12.88 -14.74
C LEU A 241 2.67 14.02 -15.04
N PRO A 242 2.19 14.12 -16.28
CA PRO A 242 1.12 15.08 -16.63
C PRO A 242 -0.12 14.79 -15.77
N ASN A 243 -0.89 15.83 -15.50
CA ASN A 243 -2.06 15.65 -14.63
C ASN A 243 -3.19 14.77 -15.15
N LYS A 244 -3.30 14.58 -16.47
CA LYS A 244 -4.29 13.68 -16.95
C LYS A 244 -4.09 12.25 -16.47
N PHE A 245 -2.85 11.83 -16.23
CA PHE A 245 -2.61 10.54 -15.75
C PHE A 245 -3.27 10.22 -14.42
N HIS A 246 -3.04 10.95 -13.36
CA HIS A 246 -3.61 10.49 -12.13
C HIS A 246 -5.14 10.74 -12.08
N LYS A 247 -5.58 11.77 -12.77
CA LYS A 247 -6.99 12.08 -12.87
C LYS A 247 -7.74 10.97 -13.55
N SER A 248 -7.24 10.47 -14.66
CA SER A 248 -7.88 9.40 -15.36
C SER A 248 -7.80 8.03 -14.61
N ILE A 249 -6.65 7.70 -14.04
CA ILE A 249 -6.41 6.30 -13.62
C ILE A 249 -7.28 6.04 -12.43
N ARG A 250 -7.46 7.07 -11.62
CA ARG A 250 -8.28 6.98 -10.43
C ARG A 250 -9.70 6.53 -10.75
N GLU A 251 -10.26 7.12 -11.80
CA GLU A 251 -11.58 6.73 -12.20
C GLU A 251 -11.55 5.43 -13.01
N ASP A 252 -10.56 5.25 -13.87
CA ASP A 252 -10.61 4.11 -14.76
C ASP A 252 -10.50 2.76 -14.04
N ILE A 253 -9.74 2.67 -12.96
CA ILE A 253 -9.54 1.40 -12.24
C ILE A 253 -10.81 0.96 -11.60
N LEU A 254 -11.78 1.84 -11.43
CA LEU A 254 -13.08 1.45 -10.85
C LEU A 254 -13.97 0.75 -11.91
N GLU A 255 -13.67 0.94 -13.21
CA GLU A 255 -14.62 0.56 -14.24
C GLU A 255 -14.00 -0.52 -15.17
N CYS A 256 -12.67 -0.54 -15.26
CA CYS A 256 -11.93 -1.46 -16.13
C CYS A 256 -12.47 -2.88 -16.06
N ASP A 257 -12.74 -3.51 -17.21
CA ASP A 257 -13.18 -4.91 -17.18
C ASP A 257 -12.27 -5.88 -17.87
N LEU A 258 -11.17 -5.36 -18.39
CA LEU A 258 -10.13 -6.12 -19.11
C LEU A 258 -8.94 -5.18 -19.27
N LEU A 259 -7.73 -5.64 -18.94
CA LEU A 259 -6.48 -4.91 -19.17
C LEU A 259 -5.63 -5.69 -20.14
N ILE A 260 -5.16 -4.96 -21.15
CA ILE A 260 -4.28 -5.47 -22.18
C ILE A 260 -3.02 -4.58 -22.26
N CYS A 261 -1.86 -5.19 -22.01
CA CYS A 261 -0.58 -4.45 -21.92
C CYS A 261 0.17 -4.94 -23.17
N ILE A 262 0.65 -4.02 -23.98
CA ILE A 262 1.16 -4.34 -25.33
CA ILE A 262 1.15 -4.33 -25.34
C ILE A 262 2.45 -3.58 -25.63
N GLY A 263 3.50 -4.30 -26.05
CA GLY A 263 4.71 -3.64 -26.56
C GLY A 263 5.44 -2.84 -25.49
N THR A 264 5.47 -3.34 -24.29
CA THR A 264 6.20 -2.66 -23.23
C THR A 264 6.95 -3.65 -22.33
N SER A 265 8.10 -3.24 -21.77
CA SER A 265 8.83 -3.99 -20.73
C SER A 265 8.26 -3.74 -19.33
N LEU A 266 7.43 -2.71 -19.18
CA LEU A 266 6.78 -2.34 -17.98
C LEU A 266 7.76 -2.05 -16.81
N LYS A 267 8.82 -1.33 -17.14
CA LYS A 267 9.89 -1.06 -16.16
C LYS A 267 9.84 0.35 -15.57
N VAL A 268 8.87 1.13 -15.95
CA VAL A 268 8.80 2.50 -15.44
C VAL A 268 7.49 2.74 -14.68
N ALA A 269 7.67 3.21 -13.45
CA ALA A 269 6.59 3.59 -12.54
C ALA A 269 6.33 5.13 -12.56
N PRO A 270 5.08 5.56 -12.30
CA PRO A 270 3.95 4.71 -11.94
C PRO A 270 3.16 3.95 -13.00
N VAL A 271 3.48 4.08 -14.28
CA VAL A 271 2.73 3.35 -15.26
C VAL A 271 2.69 1.84 -14.98
N SER A 272 3.86 1.27 -14.59
CA SER A 272 4.05 -0.15 -14.32
C SER A 272 3.21 -0.56 -13.14
N GLU A 273 2.73 0.38 -12.35
CA GLU A 273 1.82 0.05 -11.25
C GLU A 273 0.36 -0.09 -11.70
N ILE A 274 0.06 0.20 -12.95
CA ILE A 274 -1.34 0.05 -13.34
C ILE A 274 -1.79 -1.41 -13.09
N VAL A 275 -0.91 -2.36 -13.33
CA VAL A 275 -1.25 -3.75 -13.19
C VAL A 275 -1.56 -4.18 -11.72
N ASN A 276 -1.07 -3.36 -10.80
CA ASN A 276 -1.40 -3.51 -9.37
C ASN A 276 -2.55 -2.75 -8.88
N MSE A 277 -2.90 -1.84 -9.58
CA MSE A 277 -3.98 -0.95 -9.18
C MSE A 277 -5.33 -1.46 -9.67
O MSE A 277 -6.37 -1.07 -9.11
CB MSE A 277 -3.73 0.46 -9.72
CG MSE A 277 -2.53 1.17 -9.08
SE MSE A 277 -2.22 2.93 -9.85
CE MSE A 277 -3.77 3.86 -9.11
N VAL A 278 -5.48 -2.07 -10.82
CA VAL A 278 -6.68 -2.62 -11.31
C VAL A 278 -7.12 -3.69 -10.32
N PRO A 279 -8.43 -3.81 -10.03
CA PRO A 279 -8.88 -4.82 -9.06
C PRO A 279 -8.52 -6.23 -9.54
N SER A 280 -8.38 -7.08 -8.57
CA SER A 280 -7.75 -8.41 -8.71
C SER A 280 -8.56 -9.35 -9.66
N HIS A 281 -9.88 -9.16 -9.74
CA HIS A 281 -10.73 -9.99 -10.56
C HIS A 281 -10.66 -9.65 -12.08
N VAL A 282 -10.04 -8.51 -12.47
CA VAL A 282 -10.05 -8.09 -13.86
C VAL A 282 -8.98 -8.86 -14.59
N PRO A 283 -9.32 -9.55 -15.69
CA PRO A 283 -8.30 -10.26 -16.48
C PRO A 283 -7.20 -9.35 -17.09
N GLN A 284 -5.97 -9.84 -17.07
CA GLN A 284 -4.86 -9.07 -17.52
C GLN A 284 -4.12 -9.86 -18.60
N VAL A 285 -3.93 -9.25 -19.77
CA VAL A 285 -3.35 -9.97 -20.92
C VAL A 285 -2.12 -9.18 -21.34
N LEU A 286 -1.01 -9.86 -21.65
CA LEU A 286 0.17 -9.28 -22.23
C LEU A 286 0.30 -9.73 -23.65
N ILE A 287 0.58 -8.77 -24.49
CA ILE A 287 0.94 -9.02 -25.91
C ILE A 287 2.30 -8.33 -26.12
N ASN A 288 3.34 -9.15 -26.33
CA ASN A 288 4.68 -8.63 -26.27
C ASN A 288 5.68 -9.64 -26.79
N ARG A 289 6.80 -9.19 -27.38
CA ARG A 289 7.83 -10.12 -27.85
C ARG A 289 8.37 -11.00 -26.71
N ASP A 290 8.52 -10.42 -25.53
CA ASP A 290 9.12 -11.05 -24.36
C ASP A 290 8.13 -11.12 -23.15
N PRO A 291 8.24 -12.13 -22.29
CA PRO A 291 7.47 -12.12 -21.05
C PRO A 291 7.89 -10.94 -20.19
N VAL A 292 6.98 -10.56 -19.29
CA VAL A 292 7.26 -9.55 -18.28
C VAL A 292 7.42 -10.32 -16.95
N LYS A 293 8.66 -10.56 -16.58
CA LYS A 293 8.94 -11.55 -15.55
C LYS A 293 8.51 -11.10 -14.17
N HIS A 294 8.42 -9.79 -13.95
CA HIS A 294 7.97 -9.24 -12.67
C HIS A 294 6.48 -8.96 -12.56
N ALA A 295 5.71 -9.38 -13.53
CA ALA A 295 4.27 -9.30 -13.46
C ALA A 295 3.68 -10.67 -13.63
N GLU A 296 2.43 -10.81 -13.18
CA GLU A 296 1.63 -12.05 -13.31
C GLU A 296 0.45 -11.82 -14.23
N PHE A 297 0.71 -11.95 -15.52
CA PHE A 297 -0.39 -11.89 -16.48
C PHE A 297 -1.17 -13.17 -16.49
N ASP A 298 -2.49 -13.06 -16.67
CA ASP A 298 -3.35 -14.25 -16.77
C ASP A 298 -3.06 -15.01 -18.04
N LEU A 299 -2.80 -14.26 -19.08
CA LEU A 299 -2.52 -14.75 -20.39
C LEU A 299 -1.43 -13.90 -20.97
N SER A 300 -0.43 -14.58 -21.55
CA SER A 300 0.67 -13.92 -22.17
C SER A 300 0.72 -14.43 -23.60
N LEU A 301 0.67 -13.52 -24.57
CA LEU A 301 0.84 -13.87 -25.99
C LEU A 301 2.18 -13.29 -26.49
N LEU A 302 3.10 -14.15 -26.94
CA LEU A 302 4.47 -13.74 -27.17
C LEU A 302 4.83 -13.80 -28.67
N GLY A 303 5.08 -12.63 -29.23
CA GLY A 303 5.34 -12.42 -30.65
C GLY A 303 5.19 -10.95 -30.97
N TYR A 304 5.08 -10.62 -32.26
CA TYR A 304 4.93 -9.24 -32.69
C TYR A 304 3.51 -8.74 -32.48
N CYS A 305 3.37 -7.53 -31.97
CA CYS A 305 2.06 -6.93 -31.76
C CYS A 305 1.15 -7.14 -32.96
N ASP A 306 1.56 -6.61 -34.11
CA ASP A 306 0.69 -6.50 -35.27
C ASP A 306 0.11 -7.85 -35.65
N ASP A 307 0.95 -8.88 -35.63
CA ASP A 307 0.54 -10.21 -35.96
C ASP A 307 -0.44 -10.76 -34.96
N ILE A 308 -0.18 -10.55 -33.67
CA ILE A 308 -1.00 -11.11 -32.63
C ILE A 308 -2.33 -10.33 -32.63
N ALA A 309 -2.31 -9.00 -32.84
CA ALA A 309 -3.56 -8.24 -33.05
C ALA A 309 -4.42 -8.74 -34.19
N ALA A 310 -3.78 -9.03 -35.30
CA ALA A 310 -4.51 -9.61 -36.41
C ALA A 310 -5.13 -10.99 -36.15
N MSE A 311 -4.35 -11.84 -35.53
CA MSE A 311 -4.83 -13.15 -35.19
C MSE A 311 -5.98 -13.06 -34.25
O MSE A 311 -6.96 -13.77 -34.41
CB MSE A 311 -3.72 -13.96 -34.59
CG MSE A 311 -4.06 -15.40 -34.53
SE MSE A 311 -3.40 -15.93 -32.91
CE MSE A 311 -4.92 -15.36 -32.00
N VAL A 312 -5.92 -12.19 -33.26
CA VAL A 312 -7.01 -12.01 -32.36
C VAL A 312 -8.29 -11.50 -33.08
N ALA A 313 -8.11 -10.49 -33.92
CA ALA A 313 -9.23 -9.88 -34.61
C ALA A 313 -9.86 -10.91 -35.55
N GLN A 314 -9.05 -11.70 -36.20
CA GLN A 314 -9.53 -12.83 -36.98
C GLN A 314 -10.40 -13.75 -36.13
N LYS A 315 -9.87 -14.17 -34.98
CA LYS A 315 -10.65 -15.10 -34.12
C LYS A 315 -11.95 -14.50 -33.59
N CYS A 316 -11.98 -13.19 -33.35
CA CYS A 316 -13.19 -12.48 -32.99
C CYS A 316 -14.18 -12.26 -34.16
N GLY A 317 -13.76 -12.47 -35.39
CA GLY A 317 -14.58 -12.13 -36.56
C GLY A 317 -14.71 -10.61 -36.73
N TRP A 318 -13.60 -9.92 -36.47
CA TRP A 318 -13.51 -8.50 -36.57
C TRP A 318 -12.52 -8.05 -37.64
N THR A 319 -12.53 -6.75 -37.95
CA THR A 319 -11.62 -6.15 -38.96
C THR A 319 -10.83 -5.03 -38.34
N ILE A 320 -9.51 -5.05 -38.54
CA ILE A 320 -8.66 -3.91 -38.15
C ILE A 320 -8.68 -2.91 -39.27
N PRO A 321 -9.05 -1.64 -39.05
CA PRO A 321 -9.18 -0.67 -40.08
C PRO A 321 -7.82 -0.09 -40.52
N HIS A 322 -7.02 -0.89 -41.26
CA HIS A 322 -5.62 -0.53 -41.60
C HIS A 322 -5.38 -1.10 -42.97
N LYS A 323 -4.66 -0.35 -43.79
CA LYS A 323 -4.31 -0.85 -45.13
C LYS A 323 -3.63 -2.26 -45.13
N LYS A 324 -2.91 -2.60 -44.07
CA LYS A 324 -2.25 -3.89 -44.00
C LYS A 324 -3.17 -5.02 -43.56
N TRP A 325 -4.44 -4.74 -43.26
CA TRP A 325 -5.39 -5.80 -42.99
C TRP A 325 -5.46 -6.93 -44.00
N ASN A 326 -5.56 -6.64 -45.27
CA ASN A 326 -5.63 -7.70 -46.27
C ASN A 326 -4.34 -8.53 -46.26
N ASP A 327 -3.18 -7.92 -46.03
CA ASP A 327 -1.95 -8.71 -45.91
C ASP A 327 -1.96 -9.57 -44.66
N LEU A 328 -2.38 -9.01 -43.56
CA LEU A 328 -2.40 -9.72 -42.27
C LEU A 328 -3.44 -10.80 -42.23
N LYS A 329 -4.60 -10.57 -42.81
CA LYS A 329 -5.69 -11.55 -42.77
C LYS A 329 -5.31 -12.75 -43.63
N ASN A 330 -4.30 -12.59 -44.48
CA ASN A 330 -3.84 -13.71 -45.28
C ASN A 330 -2.73 -14.55 -44.63
N LYS A 331 -2.38 -14.28 -43.39
CA LYS A 331 -1.32 -15.04 -42.71
C LYS A 331 -1.90 -16.20 -41.89
N ASN A 332 -1.16 -17.31 -41.82
CA ASN A 332 -1.45 -18.36 -40.87
C ASN A 332 -0.65 -18.18 -39.62
N PHE A 333 -1.36 -18.03 -38.53
CA PHE A 333 -0.74 -17.90 -37.23
C PHE A 333 -0.70 -19.23 -36.50
N LYS A 334 0.45 -19.53 -35.95
CA LYS A 334 0.62 -20.66 -35.10
C LYS A 334 0.69 -20.14 -33.65
N CYS A 335 -0.12 -20.72 -32.77
CA CYS A 335 -0.08 -20.52 -31.33
C CYS A 335 0.34 -21.74 -30.56
N GLN A 336 1.60 -21.77 -30.13
CA GLN A 336 2.21 -22.89 -29.39
C GLN A 336 2.10 -22.61 -27.89
N GLU A 337 1.37 -23.47 -27.18
CA GLU A 337 1.16 -23.29 -25.75
C GLU A 337 2.45 -23.66 -25.12
N LYS A 338 3.05 -22.79 -24.33
CA LYS A 338 4.28 -23.19 -23.65
C LYS A 338 3.98 -23.65 -22.25
N ASP A 339 3.33 -22.82 -21.49
CA ASP A 339 3.02 -23.06 -20.09
C ASP A 339 1.57 -22.59 -20.00
N LYS A 340 0.86 -22.93 -18.94
CA LYS A 340 -0.50 -22.46 -18.75
C LYS A 340 -0.55 -20.93 -18.88
N GLY A 341 -1.43 -20.45 -19.72
CA GLY A 341 -1.51 -19.07 -20.11
C GLY A 341 -0.32 -18.41 -20.77
N VAL A 342 0.56 -19.19 -21.40
CA VAL A 342 1.64 -18.63 -22.16
C VAL A 342 1.67 -19.23 -23.56
N TYR A 343 1.50 -18.41 -24.59
CA TYR A 343 1.49 -18.88 -25.97
C TYR A 343 2.48 -18.12 -26.82
N VAL A 344 3.31 -18.84 -27.58
CA VAL A 344 4.22 -18.25 -28.56
C VAL A 344 3.46 -18.26 -29.89
N VAL A 345 3.27 -17.07 -30.48
CA VAL A 345 2.44 -16.83 -31.66
C VAL A 345 3.41 -16.42 -32.76
N THR A 346 3.49 -17.20 -33.81
CA THR A 346 4.30 -16.88 -34.99
C THR A 346 3.49 -16.99 -36.25
N SER A 347 4.09 -16.55 -37.35
CA SER A 347 3.43 -16.52 -38.65
C SER A 347 4.27 -17.19 -39.76
N ASP A 348 3.58 -17.96 -40.61
CA ASP A 348 4.14 -18.65 -41.80
C ASP A 348 3.10 -19.60 -42.41
N PRO B 3 -6.39 11.60 -3.06
CA PRO B 3 -5.08 11.25 -3.74
C PRO B 3 -5.01 9.80 -4.29
N LEU B 4 -4.29 9.66 -5.40
CA LEU B 4 -4.18 8.36 -6.04
C LEU B 4 -3.51 7.36 -5.09
N ALA B 5 -4.13 6.18 -4.96
CA ALA B 5 -3.66 5.13 -4.05
C ALA B 5 -3.84 3.79 -4.69
N LYS B 6 -2.97 2.84 -4.32
CA LYS B 6 -3.23 1.43 -4.51
C LYS B 6 -3.34 0.71 -3.10
N LYS B 7 -3.79 -0.55 -3.14
CA LYS B 7 -3.91 -1.37 -1.91
C LYS B 7 -2.52 -1.82 -1.49
N GLN B 8 -2.15 -1.58 -0.24
CA GLN B 8 -0.91 -2.09 0.35
C GLN B 8 -1.31 -3.13 1.38
N THR B 9 -0.94 -4.39 1.16
CA THR B 9 -1.30 -5.43 2.09
C THR B 9 -0.76 -5.10 3.49
N VAL B 10 -1.65 -5.25 4.47
CA VAL B 10 -1.30 -5.03 5.88
C VAL B 10 -0.74 -6.32 6.46
N ARG B 11 0.53 -6.31 6.78
CA ARG B 11 1.17 -7.53 7.27
C ARG B 11 0.49 -7.93 8.60
N LEU B 12 0.15 -9.19 8.79
CA LEU B 12 -0.56 -9.56 10.03
C LEU B 12 0.32 -10.26 11.09
N ILE B 13 1.61 -10.08 11.00
CA ILE B 13 2.57 -10.59 11.97
C ILE B 13 2.81 -9.46 12.96
N LYS B 14 2.61 -9.59 14.21
CA LYS B 14 3.00 -8.67 15.23
C LYS B 14 4.41 -8.11 15.21
N ASP B 15 4.53 -6.79 15.13
CA ASP B 15 5.84 -6.15 14.92
C ASP B 15 5.84 -4.75 15.49
N LEU B 16 6.94 -4.32 16.09
CA LEU B 16 7.14 -2.85 16.17
C LEU B 16 6.81 -2.14 14.82
N GLN B 17 5.88 -1.18 14.87
CA GLN B 17 5.65 -0.22 13.77
C GLN B 17 6.98 0.52 13.62
N ARG B 18 7.43 1.05 14.75
CA ARG B 18 8.84 1.06 15.22
C ARG B 18 8.64 1.26 16.72
N VAL B 23 9.48 12.14 10.10
CA VAL B 23 8.77 11.14 9.31
C VAL B 23 7.31 11.47 9.44
N LEU B 24 6.86 12.54 8.78
CA LEU B 24 5.50 13.07 9.00
C LEU B 24 4.45 11.98 8.78
N CYS B 25 3.51 11.89 9.73
CA CYS B 25 2.27 11.17 9.46
C CYS B 25 1.52 11.87 8.31
N THR B 26 0.87 11.12 7.40
CA THR B 26 0.19 11.72 6.27
C THR B 26 -1.30 11.85 6.48
N ARG B 27 -1.83 11.34 7.61
CA ARG B 27 -3.27 11.46 7.81
C ARG B 27 -3.52 12.94 7.98
N LEU B 28 -4.65 13.42 7.44
CA LEU B 28 -5.06 14.82 7.62
C LEU B 28 -6.17 14.85 8.65
N ARG B 29 -6.03 15.78 9.58
CA ARG B 29 -7.04 15.95 10.61
C ARG B 29 -8.28 16.72 10.09
N LEU B 30 -9.46 16.31 10.55
CA LEU B 30 -10.74 16.90 10.20
C LEU B 30 -10.87 18.33 10.72
N SER B 31 -11.19 19.26 9.83
CA SER B 31 -11.36 20.66 10.21
C SER B 31 -12.50 20.83 11.21
N ASN B 32 -13.45 19.90 11.19
CA ASN B 32 -14.78 20.13 11.74
C ASN B 32 -14.93 19.54 13.13
N PHE B 33 -13.82 19.08 13.70
CA PHE B 33 -13.87 18.15 14.83
C PHE B 33 -12.58 18.20 15.63
N PHE B 34 -12.58 19.01 16.69
CA PHE B 34 -11.38 19.21 17.50
C PHE B 34 -11.72 19.28 18.98
N THR B 35 -12.95 19.70 19.28
CA THR B 35 -13.30 20.12 20.64
C THR B 35 -13.60 18.92 21.53
N ILE B 36 -14.07 19.19 22.74
CA ILE B 36 -14.71 18.21 23.55
C ILE B 36 -16.18 18.11 23.09
N ASP B 37 -16.85 19.26 22.98
CA ASP B 37 -18.24 19.26 22.55
C ASP B 37 -18.43 18.55 21.20
N HIS B 38 -17.45 18.55 20.31
CA HIS B 38 -17.61 17.84 19.04
C HIS B 38 -17.72 16.34 19.35
N PHE B 39 -16.80 15.85 20.19
CA PHE B 39 -16.77 14.44 20.67
C PHE B 39 -18.12 14.05 21.26
N ILE B 40 -18.62 14.90 22.15
CA ILE B 40 -19.92 14.63 22.79
C ILE B 40 -21.12 14.44 21.84
N GLN B 41 -21.33 15.35 20.91
CA GLN B 41 -22.36 15.22 19.85
C GLN B 41 -22.16 13.94 19.00
N LYS B 42 -20.90 13.63 18.69
CA LYS B 42 -20.63 12.43 17.93
C LYS B 42 -21.05 11.21 18.72
N LEU B 43 -20.77 11.23 20.03
CA LEU B 43 -21.09 10.13 20.93
C LEU B 43 -22.59 9.85 20.91
N HIS B 44 -23.38 10.92 20.94
CA HIS B 44 -24.84 10.79 20.96
C HIS B 44 -25.34 10.21 19.62
N THR B 45 -24.79 10.65 18.48
CA THR B 45 -25.23 10.13 17.17
C THR B 45 -24.56 8.85 16.64
N ALA B 46 -23.41 8.46 17.18
CA ALA B 46 -22.67 7.35 16.59
C ALA B 46 -23.30 5.99 16.87
N ARG B 47 -23.22 5.10 15.87
CA ARG B 47 -23.78 3.71 16.00
C ARG B 47 -22.79 2.55 15.89
N LYS B 48 -21.56 2.87 15.45
CA LYS B 48 -20.59 1.89 15.13
C LYS B 48 -19.21 2.37 15.60
N ILE B 49 -19.05 2.53 16.92
CA ILE B 49 -17.82 2.96 17.51
C ILE B 49 -16.80 1.80 17.57
N LEU B 50 -15.58 2.13 17.13
CA LEU B 50 -14.42 1.26 17.30
C LEU B 50 -13.61 1.80 18.46
N VAL B 51 -13.40 0.98 19.48
CA VAL B 51 -12.60 1.36 20.62
C VAL B 51 -11.33 0.49 20.60
N LEU B 52 -10.17 1.15 20.56
CA LEU B 52 -8.86 0.49 20.54
C LEU B 52 -8.14 0.78 21.84
N THR B 53 -7.82 -0.28 22.61
CA THR B 53 -7.24 -0.14 23.96
C THR B 53 -5.87 -0.84 24.12
N GLY B 54 -5.12 -0.33 25.08
CA GLY B 54 -3.79 -0.80 25.37
C GLY B 54 -3.64 -0.91 26.88
N ALA B 55 -2.41 -1.02 27.38
CA ALA B 55 -2.19 -1.40 28.80
C ALA B 55 -2.51 -0.27 29.77
N GLY B 56 -2.63 0.96 29.22
CA GLY B 56 -2.99 2.10 29.98
C GLY B 56 -4.34 1.93 30.68
N VAL B 57 -5.24 1.11 30.12
CA VAL B 57 -6.60 1.02 30.66
C VAL B 57 -6.67 0.06 31.83
N SER B 58 -5.54 -0.59 32.12
CA SER B 58 -5.44 -1.51 33.25
C SER B 58 -4.47 -1.07 34.30
N THR B 59 -3.77 0.05 34.12
CA THR B 59 -2.84 0.47 35.20
C THR B 59 -3.49 1.02 36.50
N SER B 60 -4.76 1.41 36.46
CA SER B 60 -5.43 1.91 37.69
C SER B 60 -5.62 0.74 38.66
N LEU B 61 -5.55 -0.47 38.10
CA LEU B 61 -5.73 -1.73 38.81
C LEU B 61 -4.42 -2.31 39.36
N GLY B 62 -3.28 -1.63 39.15
CA GLY B 62 -1.99 -2.10 39.65
C GLY B 62 -1.31 -3.04 38.69
N ILE B 63 -1.77 -3.11 37.46
CA ILE B 63 -1.11 -3.95 36.47
C ILE B 63 -0.14 -3.01 35.74
N PRO B 64 1.16 -3.31 35.75
CA PRO B 64 2.13 -2.49 35.03
C PRO B 64 1.76 -2.36 33.55
N ASP B 65 2.12 -1.25 32.93
CA ASP B 65 2.17 -1.19 31.46
C ASP B 65 3.56 -1.67 30.96
N PHE B 66 3.86 -1.49 29.68
CA PHE B 66 5.12 -2.00 29.09
C PHE B 66 6.23 -1.00 29.13
N ARG B 67 5.93 0.28 28.75
CA ARG B 67 6.97 1.22 28.35
C ARG B 67 7.28 2.29 29.37
N SER B 68 6.45 2.42 30.39
CA SER B 68 6.64 3.53 31.33
C SER B 68 7.70 3.14 32.41
N SER B 69 7.90 4.02 33.39
CA SER B 69 9.02 3.94 34.31
C SER B 69 8.98 2.73 35.23
N GLU B 70 7.79 2.38 35.64
CA GLU B 70 7.59 1.21 36.47
C GLU B 70 7.11 0.02 35.65
N GLY B 71 7.30 0.07 34.31
CA GLY B 71 6.65 -0.93 33.46
C GLY B 71 7.47 -2.19 33.21
N PHE B 72 6.86 -3.12 32.47
CA PHE B 72 7.51 -4.41 32.27
C PHE B 72 8.91 -4.29 31.66
N TYR B 73 9.03 -3.50 30.59
CA TYR B 73 10.32 -3.43 29.92
C TYR B 73 11.39 -3.02 30.91
N SER B 74 11.07 -2.09 31.83
CA SER B 74 12.07 -1.57 32.77
C SER B 74 12.52 -2.71 33.72
N LYS B 75 11.57 -3.56 34.13
CA LYS B 75 11.89 -4.70 35.02
C LYS B 75 12.74 -5.76 34.39
N ILE B 76 12.45 -6.08 33.12
CA ILE B 76 13.24 -7.07 32.41
C ILE B 76 14.71 -6.55 32.15
N LYS B 77 14.80 -5.29 31.71
CA LYS B 77 16.11 -4.63 31.59
C LYS B 77 16.89 -4.67 32.94
N HIS B 78 16.18 -4.45 34.05
CA HIS B 78 16.88 -4.39 35.34
C HIS B 78 17.41 -5.75 35.70
N LEU B 79 16.76 -6.83 35.22
CA LEU B 79 17.28 -8.19 35.41
C LEU B 79 18.60 -8.47 34.70
N GLY B 80 18.92 -7.75 33.64
CA GLY B 80 20.14 -8.00 32.88
C GLY B 80 20.03 -8.31 31.38
N LEU B 81 18.82 -8.50 30.89
CA LEU B 81 18.64 -8.71 29.44
C LEU B 81 19.03 -7.43 28.69
N ASP B 82 19.94 -7.57 27.76
CA ASP B 82 20.31 -6.50 26.80
C ASP B 82 19.13 -5.93 26.03
N ASP B 83 18.27 -6.78 25.45
CA ASP B 83 17.04 -6.26 24.83
C ASP B 83 15.86 -6.91 25.51
N PRO B 84 15.13 -6.17 26.36
CA PRO B 84 13.98 -6.73 27.08
C PRO B 84 12.88 -7.16 26.16
N GLN B 85 12.80 -6.57 24.97
CA GLN B 85 11.88 -7.03 23.91
C GLN B 85 12.00 -8.51 23.59
N ASP B 86 13.21 -9.06 23.73
CA ASP B 86 13.50 -10.47 23.51
C ASP B 86 12.54 -11.47 24.16
N VAL B 87 12.06 -11.15 25.35
CA VAL B 87 11.27 -12.12 26.09
C VAL B 87 9.92 -12.40 25.41
N PHE B 88 9.39 -11.47 24.60
CA PHE B 88 8.14 -11.72 23.88
C PHE B 88 8.38 -11.94 22.40
N ASN B 89 9.60 -12.28 22.04
CA ASN B 89 9.96 -12.57 20.66
C ASN B 89 9.65 -14.06 20.30
N TYR B 90 8.77 -14.26 19.30
CA TYR B 90 8.33 -15.57 18.83
C TYR B 90 9.45 -16.45 18.43
N ASN B 91 10.34 -15.92 17.60
CA ASN B 91 11.48 -16.69 17.01
C ASN B 91 12.43 -17.11 18.11
N ILE B 92 12.63 -16.23 19.07
CA ILE B 92 13.34 -16.56 20.29
C ILE B 92 12.67 -17.70 21.09
N PHE B 93 11.35 -17.63 21.22
CA PHE B 93 10.59 -18.67 21.90
C PHE B 93 10.85 -20.02 21.23
N MSE B 94 10.79 -20.05 19.90
CA MSE B 94 10.89 -21.29 19.15
C MSE B 94 12.31 -21.87 19.27
O MSE B 94 12.51 -23.09 19.18
CB MSE B 94 10.59 -21.03 17.71
CG MSE B 94 9.15 -20.75 17.29
SE MSE B 94 7.87 -21.97 18.15
CE MSE B 94 8.26 -23.60 17.11
N HIS B 95 13.27 -21.00 19.53
CA HIS B 95 14.66 -21.36 19.71
C HIS B 95 15.07 -21.66 21.11
N ASP B 96 14.40 -21.05 22.07
CA ASP B 96 14.78 -21.14 23.44
C ASP B 96 13.61 -20.63 24.33
N PRO B 97 12.66 -21.49 24.63
CA PRO B 97 11.48 -21.06 25.41
C PRO B 97 11.73 -20.68 26.86
N SER B 98 12.93 -20.92 27.35
CA SER B 98 13.28 -20.52 28.71
C SER B 98 13.40 -19.02 28.79
N VAL B 99 13.65 -18.34 27.66
CA VAL B 99 13.80 -16.89 27.78
C VAL B 99 12.47 -16.28 28.30
N PHE B 100 11.40 -16.64 27.66
CA PHE B 100 10.05 -16.18 28.06
C PHE B 100 9.63 -16.78 29.40
N TYR B 101 9.85 -18.07 29.63
CA TYR B 101 9.32 -18.71 30.86
C TYR B 101 10.11 -18.30 32.06
N ASN B 102 11.30 -17.79 31.85
CA ASN B 102 12.05 -17.15 32.96
C ASN B 102 11.28 -15.90 33.51
N ILE B 103 10.55 -15.18 32.65
CA ILE B 103 9.80 -13.97 33.09
C ILE B 103 8.27 -14.08 33.08
N ALA B 104 7.70 -15.19 32.61
CA ALA B 104 6.26 -15.28 32.42
C ALA B 104 5.42 -15.05 33.70
N ASN B 105 5.93 -15.42 34.86
CA ASN B 105 5.16 -15.19 36.09
C ASN B 105 4.89 -13.69 36.22
N MSE B 106 5.72 -12.85 35.66
CA MSE B 106 5.47 -11.42 35.84
C MSE B 106 4.30 -10.93 35.03
O MSE B 106 3.76 -9.89 35.37
CB MSE B 106 6.67 -10.59 35.43
CG MSE B 106 7.77 -10.61 36.38
SE MSE B 106 9.36 -9.92 35.45
CE MSE B 106 8.48 -8.48 33.86
N VAL B 107 3.96 -11.62 33.94
CA VAL B 107 2.87 -11.16 33.12
C VAL B 107 1.58 -11.93 33.32
N LEU B 108 1.53 -12.94 34.20
CA LEU B 108 0.29 -13.68 34.44
C LEU B 108 -0.65 -12.66 35.10
N PRO B 109 -1.85 -12.45 34.59
CA PRO B 109 -2.72 -11.37 35.10
C PRO B 109 -3.50 -11.74 36.33
N PRO B 110 -4.06 -10.72 36.96
CA PRO B 110 -5.01 -10.99 38.05
C PRO B 110 -6.30 -11.43 37.37
N GLU B 111 -7.32 -11.64 38.14
CA GLU B 111 -8.58 -11.95 37.50
C GLU B 111 -9.74 -11.35 38.29
N LYS B 112 -10.87 -11.36 37.62
CA LYS B 112 -12.11 -10.81 38.14
C LYS B 112 -12.03 -9.37 38.67
N ILE B 113 -11.30 -8.51 37.99
CA ILE B 113 -11.42 -7.06 38.23
C ILE B 113 -11.39 -6.34 36.88
N TYR B 114 -11.80 -5.07 36.91
CA TYR B 114 -11.86 -4.23 35.75
C TYR B 114 -11.97 -2.79 36.18
N SER B 115 -11.59 -1.89 35.28
CA SER B 115 -11.55 -0.44 35.58
C SER B 115 -12.80 0.32 35.11
N PRO B 116 -12.97 1.55 35.57
CA PRO B 116 -13.97 2.44 34.99
C PRO B 116 -13.97 2.49 33.46
N LEU B 117 -12.78 2.45 32.85
CA LEU B 117 -12.66 2.47 31.41
C LEU B 117 -13.30 1.23 30.78
N HIS B 118 -13.01 0.05 31.29
CA HIS B 118 -13.61 -1.14 30.69
C HIS B 118 -15.12 -1.06 30.74
N SER B 119 -15.63 -0.55 31.85
CA SER B 119 -17.07 -0.23 32.00
C SER B 119 -17.69 0.83 31.07
N PHE B 120 -16.88 1.83 30.71
CA PHE B 120 -17.29 2.86 29.82
C PHE B 120 -17.44 2.16 28.44
N ILE B 121 -16.60 1.15 28.22
CA ILE B 121 -16.73 0.39 27.00
C ILE B 121 -18.04 -0.39 27.06
N LYS B 122 -18.34 -1.07 28.15
CA LYS B 122 -19.62 -1.84 28.24
C LYS B 122 -20.85 -0.93 28.07
N MSE B 123 -20.76 0.27 28.62
CA MSE B 123 -21.80 1.28 28.43
C MSE B 123 -22.15 1.43 26.95
O MSE B 123 -23.31 1.29 26.57
CB MSE B 123 -21.35 2.63 29.01
CG MSE B 123 -22.39 3.72 28.90
SE MSE B 123 -21.66 5.48 29.31
CE MSE B 123 -20.27 5.57 27.95
N LEU B 124 -21.14 1.73 26.15
CA LEU B 124 -21.33 1.89 24.71
C LEU B 124 -22.03 0.67 24.11
N GLN B 125 -21.59 -0.51 24.51
CA GLN B 125 -22.20 -1.75 24.04
C GLN B 125 -23.69 -1.80 24.37
N MSE B 126 -24.03 -1.42 25.58
CA MSE B 126 -25.41 -1.52 26.06
C MSE B 126 -26.31 -0.53 25.33
O MSE B 126 -27.47 -0.83 25.20
CB MSE B 126 -25.46 -1.28 27.57
CG MSE B 126 -24.81 -2.37 28.41
SE MSE B 126 -25.02 -2.08 30.32
CE MSE B 126 -23.75 -0.61 30.54
N LYS B 127 -25.81 0.57 24.94
CA LYS B 127 -26.53 1.62 24.25
C LYS B 127 -26.58 1.35 22.72
N GLY B 128 -26.03 0.21 22.33
CA GLY B 128 -26.07 -0.27 20.96
C GLY B 128 -25.13 0.47 20.04
N LYS B 129 -24.04 1.00 20.60
CA LYS B 129 -23.11 1.85 19.82
C LYS B 129 -21.68 1.23 19.61
N LEU B 130 -21.42 0.06 20.14
CA LEU B 130 -20.05 -0.48 20.07
C LEU B 130 -19.94 -1.39 18.83
N LEU B 131 -19.23 -0.98 17.79
CA LEU B 131 -18.97 -1.92 16.68
C LEU B 131 -18.00 -3.08 17.16
N ARG B 132 -16.88 -2.67 17.75
CA ARG B 132 -15.91 -3.61 18.33
C ARG B 132 -15.01 -2.94 19.31
N ASN B 133 -14.58 -3.66 20.36
CA ASN B 133 -13.41 -3.21 21.13
C ASN B 133 -12.19 -4.06 20.71
N TYR B 134 -11.21 -3.45 20.05
CA TYR B 134 -10.00 -4.15 19.69
C TYR B 134 -9.07 -3.88 20.88
N THR B 135 -8.77 -4.89 21.70
CA THR B 135 -7.79 -4.74 22.79
C THR B 135 -6.42 -5.43 22.52
N GLN B 136 -5.36 -4.76 22.90
CA GLN B 136 -4.00 -5.28 22.89
C GLN B 136 -3.68 -6.03 24.15
N ASN B 137 -4.55 -5.89 25.13
CA ASN B 137 -4.23 -6.42 26.42
C ASN B 137 -4.44 -7.94 26.48
N ILE B 138 -3.49 -8.62 27.11
CA ILE B 138 -3.58 -10.05 27.40
C ILE B 138 -4.09 -10.30 28.81
N ASP B 139 -4.60 -9.28 29.47
CA ASP B 139 -5.05 -9.53 30.86
C ASP B 139 -6.47 -10.12 30.97
N ASN B 140 -7.15 -10.21 29.83
CA ASN B 140 -8.39 -10.92 29.72
C ASN B 140 -9.44 -10.31 30.60
N LEU B 141 -9.41 -9.02 30.88
CA LEU B 141 -10.39 -8.40 31.80
C LEU B 141 -11.71 -7.88 31.17
N GLU B 142 -11.71 -7.65 29.86
CA GLU B 142 -12.90 -7.28 29.14
C GLU B 142 -14.14 -8.24 29.34
N SER B 143 -13.97 -9.57 29.28
CA SER B 143 -15.14 -10.49 29.31
C SER B 143 -15.90 -10.36 30.65
N TYR B 144 -15.10 -10.15 31.71
CA TYR B 144 -15.63 -10.11 33.05
C TYR B 144 -16.32 -8.84 33.20
N ALA B 145 -15.78 -7.81 32.55
CA ALA B 145 -16.40 -6.48 32.57
C ALA B 145 -17.73 -6.43 31.80
N GLY B 146 -18.04 -7.45 31.02
CA GLY B 146 -19.35 -7.53 30.40
C GLY B 146 -19.27 -7.29 28.89
N ILE B 147 -18.09 -7.17 28.30
CA ILE B 147 -18.02 -6.91 26.88
C ILE B 147 -18.34 -8.21 26.12
N SER B 148 -19.31 -8.22 25.19
CA SER B 148 -19.71 -9.51 24.68
C SER B 148 -18.61 -10.09 23.76
N THR B 149 -18.65 -11.39 23.58
CA THR B 149 -17.54 -12.07 22.96
C THR B 149 -17.55 -11.67 21.50
N ASP B 150 -18.73 -11.44 20.94
CA ASP B 150 -18.78 -10.94 19.56
C ASP B 150 -18.23 -9.50 19.44
N LYS B 151 -18.26 -8.73 20.52
CA LYS B 151 -17.77 -7.37 20.41
C LYS B 151 -16.29 -7.22 20.85
N LEU B 152 -15.69 -8.27 21.39
CA LEU B 152 -14.29 -8.24 21.82
C LEU B 152 -13.37 -8.93 20.81
N VAL B 153 -12.30 -8.19 20.43
CA VAL B 153 -11.19 -8.76 19.68
C VAL B 153 -9.91 -8.59 20.51
N GLN B 154 -9.47 -9.70 21.10
CA GLN B 154 -8.18 -9.80 21.81
C GLN B 154 -7.12 -9.93 20.75
N CYS B 155 -6.64 -8.77 20.28
CA CYS B 155 -5.71 -8.70 19.17
C CYS B 155 -4.43 -9.55 19.32
N HIS B 156 -3.97 -9.64 20.56
CA HIS B 156 -2.73 -10.31 20.90
C HIS B 156 -2.93 -11.52 21.85
N GLY B 157 -4.16 -12.05 21.82
CA GLY B 157 -4.52 -13.25 22.52
C GLY B 157 -4.60 -13.01 24.01
N SER B 158 -4.41 -14.08 24.74
CA SER B 158 -4.46 -14.11 26.20
C SER B 158 -3.93 -15.50 26.73
N PHE B 159 -3.86 -15.58 28.08
CA PHE B 159 -3.47 -16.80 28.79
C PHE B 159 -4.66 -17.73 29.00
N ALA B 160 -5.77 -17.48 28.30
CA ALA B 160 -6.96 -18.33 28.33
C ALA B 160 -6.63 -19.76 28.01
N THR B 161 -5.74 -19.96 27.06
CA THR B 161 -5.37 -21.31 26.63
C THR B 161 -3.88 -21.28 26.27
N ALA B 162 -3.32 -22.46 26.13
CA ALA B 162 -1.92 -22.66 25.75
C ALA B 162 -1.96 -23.81 24.79
N THR B 163 -1.00 -23.85 23.86
CA THR B 163 -0.97 -24.79 22.76
C THR B 163 0.44 -25.37 22.65
N CYS B 164 0.54 -26.66 22.33
CA CYS B 164 1.81 -27.26 22.07
C CYS B 164 2.29 -26.77 20.67
N VAL B 165 3.49 -26.26 20.59
CA VAL B 165 4.01 -25.76 19.31
C VAL B 165 4.26 -26.85 18.31
N THR B 166 4.35 -28.09 18.76
CA THR B 166 4.61 -29.23 17.92
C THR B 166 3.34 -29.99 17.36
N CYS B 167 2.45 -30.42 18.23
CA CYS B 167 1.24 -31.13 17.85
C CYS B 167 -0.07 -30.35 17.90
N HIS B 168 -0.01 -29.15 18.45
CA HIS B 168 -1.11 -28.21 18.51
C HIS B 168 -2.22 -28.58 19.43
N TRP B 169 -1.97 -29.50 20.34
CA TRP B 169 -2.87 -29.76 21.47
C TRP B 169 -2.99 -28.50 22.34
N ASN B 170 -4.24 -28.23 22.72
CA ASN B 170 -4.61 -27.00 23.38
C ASN B 170 -5.27 -27.37 24.73
N LEU B 171 -4.98 -26.64 25.80
CA LEU B 171 -5.54 -26.78 27.11
C LEU B 171 -5.81 -25.40 27.75
N PRO B 172 -6.67 -25.33 28.77
CA PRO B 172 -6.83 -24.08 29.50
C PRO B 172 -5.52 -23.65 30.13
N GLY B 173 -5.25 -22.37 30.01
CA GLY B 173 -4.01 -21.77 30.48
C GLY B 173 -3.75 -21.98 31.92
N GLU B 174 -4.85 -21.98 32.68
CA GLU B 174 -4.78 -22.13 34.10
C GLU B 174 -4.04 -23.39 34.41
N ARG B 175 -4.12 -24.40 33.57
CA ARG B 175 -3.46 -25.66 33.88
C ARG B 175 -1.94 -25.51 34.01
N ILE B 176 -1.34 -24.50 33.36
CA ILE B 176 0.11 -24.34 33.41
C ILE B 176 0.56 -23.21 34.33
N PHE B 177 -0.34 -22.60 35.06
CA PHE B 177 0.04 -21.43 35.82
C PHE B 177 1.01 -21.79 36.95
N ASN B 178 0.81 -22.95 37.58
CA ASN B 178 1.65 -23.35 38.71
C ASN B 178 3.04 -23.66 38.23
N LYS B 179 3.16 -24.24 37.04
CA LYS B 179 4.50 -24.44 36.49
C LYS B 179 5.16 -23.08 36.19
N ILE B 180 4.39 -22.11 35.71
CA ILE B 180 4.91 -20.80 35.40
C ILE B 180 5.36 -20.08 36.68
N ARG B 181 4.55 -20.14 37.73
CA ARG B 181 4.92 -19.59 39.04
C ARG B 181 6.21 -20.20 39.59
N ASN B 182 6.46 -21.48 39.30
CA ASN B 182 7.65 -22.18 39.78
C ASN B 182 8.76 -22.21 38.73
N LEU B 183 8.62 -21.38 37.71
CA LEU B 183 9.65 -21.25 36.66
C LEU B 183 10.02 -22.55 35.91
N GLU B 184 9.05 -23.48 35.81
CA GLU B 184 9.15 -24.78 35.13
C GLU B 184 8.59 -24.72 33.68
N LEU B 185 9.25 -25.43 32.78
CA LEU B 185 8.86 -25.41 31.39
C LEU B 185 7.59 -26.27 31.25
N PRO B 186 6.45 -25.71 30.83
CA PRO B 186 5.22 -26.54 30.63
C PRO B 186 5.34 -27.44 29.42
N LEU B 187 5.33 -28.75 29.62
CA LEU B 187 5.52 -29.69 28.52
C LEU B 187 4.28 -30.43 28.04
N CYS B 188 4.18 -30.60 26.72
CA CYS B 188 3.04 -31.32 26.17
C CYS B 188 3.09 -32.79 26.58
N PRO B 189 2.03 -33.34 27.21
CA PRO B 189 2.00 -34.75 27.60
C PRO B 189 2.02 -35.71 26.41
N TYR B 190 1.52 -35.29 25.25
CA TYR B 190 1.54 -36.13 24.02
C TYR B 190 2.92 -36.14 23.37
N CYS B 191 3.68 -35.05 23.49
CA CYS B 191 4.93 -34.98 22.76
C CYS B 191 6.07 -35.44 23.63
N TYR B 192 5.79 -35.63 24.91
CA TYR B 192 6.81 -35.74 25.95
C TYR B 192 7.76 -36.90 25.71
N LYS B 193 7.23 -38.06 25.29
CA LYS B 193 8.09 -39.19 24.98
C LYS B 193 9.07 -38.95 23.82
N LYS B 194 8.65 -38.30 22.73
CA LYS B 194 9.60 -37.99 21.67
C LYS B 194 10.55 -36.93 22.20
N ARG B 195 10.06 -35.99 22.99
CA ARG B 195 10.90 -34.90 23.47
C ARG B 195 12.07 -35.45 24.27
N ARG B 196 11.80 -36.37 25.20
CA ARG B 196 12.88 -37.11 25.93
C ARG B 196 13.90 -37.91 25.04
N GLU B 197 13.40 -38.63 24.06
CA GLU B 197 14.23 -39.24 22.99
C GLU B 197 15.22 -38.21 22.37
N TYR B 198 14.74 -36.99 22.10
CA TYR B 198 15.57 -35.97 21.42
C TYR B 198 16.41 -35.23 22.41
N PHE B 199 16.00 -35.10 23.66
CA PHE B 199 16.84 -34.32 24.57
C PHE B 199 17.25 -35.12 25.80
N SER B 215 19.15 -40.90 13.66
CA SER B 215 18.68 -40.14 12.48
C SER B 215 19.13 -38.65 12.61
N MSE B 216 19.85 -38.15 11.59
CA MSE B 216 20.14 -36.73 11.42
C MSE B 216 18.94 -35.82 11.70
O MSE B 216 19.06 -34.83 12.36
CB MSE B 216 20.55 -36.47 9.93
CG MSE B 216 20.94 -35.11 9.71
SE MSE B 216 21.59 -34.88 7.84
CE MSE B 216 19.69 -34.59 7.01
N SER B 217 17.78 -36.17 11.19
CA SER B 217 16.62 -35.30 11.29
C SER B 217 16.12 -35.20 12.73
N GLU B 218 16.63 -36.06 13.58
CA GLU B 218 16.19 -36.20 14.95
C GLU B 218 17.24 -35.71 15.95
N ARG B 219 18.28 -35.11 15.41
CA ARG B 219 19.36 -34.59 16.20
C ARG B 219 19.56 -33.11 16.00
N PRO B 220 20.31 -32.51 16.89
CA PRO B 220 20.93 -31.20 16.67
C PRO B 220 21.53 -31.07 15.31
N PRO B 221 21.33 -29.97 14.59
CA PRO B 221 20.55 -28.81 14.99
C PRO B 221 19.14 -28.78 14.55
N TYR B 222 18.59 -29.87 14.01
CA TYR B 222 17.27 -29.82 13.37
C TYR B 222 16.04 -29.89 14.34
N ILE B 223 16.26 -30.35 15.53
CA ILE B 223 15.26 -30.32 16.57
C ILE B 223 15.56 -29.09 17.46
N LEU B 224 14.58 -28.20 17.60
CA LEU B 224 14.73 -27.02 18.41
C LEU B 224 14.35 -27.32 19.83
N ASN B 225 14.79 -26.46 20.72
CA ASN B 225 14.47 -26.58 22.15
C ASN B 225 12.99 -26.37 22.50
N SER B 226 12.22 -25.84 21.59
CA SER B 226 10.77 -25.65 21.76
C SER B 226 10.01 -26.92 21.49
N TYR B 227 10.71 -28.01 21.07
CA TYR B 227 10.01 -29.24 20.71
C TYR B 227 9.11 -29.74 21.85
N GLY B 228 7.81 -29.90 21.57
CA GLY B 228 6.85 -30.38 22.59
C GLY B 228 6.61 -29.45 23.78
N VAL B 229 6.91 -28.17 23.61
CA VAL B 229 6.68 -27.17 24.64
C VAL B 229 5.35 -26.45 24.38
N LEU B 230 4.60 -26.28 25.47
CA LEU B 230 3.34 -25.58 25.46
C LEU B 230 3.59 -24.06 25.51
N LYS B 231 2.88 -23.32 24.65
CA LYS B 231 3.07 -21.88 24.59
C LYS B 231 1.73 -21.25 24.88
N PRO B 232 1.65 -20.27 25.74
CA PRO B 232 0.36 -19.60 25.98
C PRO B 232 -0.08 -18.93 24.68
N ASP B 233 -1.38 -18.80 24.48
CA ASP B 233 -1.93 -18.28 23.25
C ASP B 233 -2.03 -16.76 23.27
N ILE B 234 -0.95 -16.18 23.69
CA ILE B 234 -0.75 -14.77 23.51
C ILE B 234 0.10 -14.63 22.24
N THR B 235 -0.06 -13.51 21.54
CA THR B 235 0.68 -13.26 20.31
C THR B 235 2.06 -12.69 20.68
N PHE B 236 3.10 -13.38 20.26
CA PHE B 236 4.47 -12.91 20.36
C PHE B 236 4.88 -12.04 19.16
N PHE B 237 5.87 -11.18 19.36
CA PHE B 237 6.47 -10.40 18.25
C PHE B 237 7.05 -11.35 17.23
N GLY B 238 6.59 -11.24 16.01
CA GLY B 238 7.02 -12.15 14.91
C GLY B 238 6.07 -13.26 14.59
N GLU B 239 4.98 -13.34 15.36
CA GLU B 239 3.91 -14.31 15.18
C GLU B 239 2.66 -13.63 14.56
N ALA B 240 1.95 -14.41 13.78
CA ALA B 240 0.65 -14.04 13.24
C ALA B 240 -0.38 -13.79 14.32
N LEU B 241 -1.12 -12.71 14.18
CA LEU B 241 -2.21 -12.41 15.12
C LEU B 241 -3.33 -13.53 15.00
N PRO B 242 -4.18 -13.65 16.01
CA PRO B 242 -5.35 -14.54 15.94
C PRO B 242 -6.25 -14.16 14.70
N ASN B 243 -6.81 -15.16 14.07
CA ASN B 243 -7.56 -14.90 12.81
C ASN B 243 -8.78 -13.97 13.02
N LYS B 244 -9.35 -13.96 14.24
CA LYS B 244 -10.42 -13.04 14.57
C LYS B 244 -10.07 -11.60 14.20
N PHE B 245 -8.78 -11.24 14.28
CA PHE B 245 -8.41 -9.89 14.05
C PHE B 245 -8.68 -9.46 12.66
N HIS B 246 -8.14 -10.14 11.65
CA HIS B 246 -8.25 -9.61 10.29
C HIS B 246 -9.66 -9.76 9.72
N LYS B 247 -10.30 -10.87 10.09
CA LYS B 247 -11.68 -11.17 9.71
C LYS B 247 -12.61 -10.08 10.23
N SER B 248 -12.32 -9.58 11.40
CA SER B 248 -13.19 -8.56 11.98
C SER B 248 -12.88 -7.20 11.34
N ILE B 249 -11.62 -6.83 11.27
CA ILE B 249 -11.34 -5.48 10.91
C ILE B 249 -11.73 -5.26 9.39
N ARG B 250 -11.71 -6.31 8.57
CA ARG B 250 -12.06 -6.24 7.14
C ARG B 250 -13.40 -5.59 6.99
N GLU B 251 -14.31 -6.04 7.86
CA GLU B 251 -15.69 -5.61 7.90
C GLU B 251 -15.93 -4.34 8.74
N ASP B 252 -15.32 -4.24 9.92
CA ASP B 252 -15.57 -3.10 10.81
C ASP B 252 -15.06 -1.79 10.17
N ILE B 253 -14.01 -1.91 9.39
CA ILE B 253 -13.49 -0.81 8.57
C ILE B 253 -14.53 -0.22 7.59
N LEU B 254 -15.28 -1.07 6.90
CA LEU B 254 -16.37 -0.62 6.01
C LEU B 254 -17.47 0.20 6.76
N GLU B 255 -17.61 0.02 8.09
CA GLU B 255 -18.74 0.60 8.80
C GLU B 255 -18.55 1.46 10.04
N CYS B 256 -17.35 1.50 10.58
CA CYS B 256 -17.00 2.37 11.73
C CYS B 256 -17.31 3.83 11.47
N ASP B 257 -17.94 4.51 12.45
CA ASP B 257 -18.20 5.93 12.33
C ASP B 257 -17.61 6.79 13.44
N LEU B 258 -16.88 6.16 14.34
CA LEU B 258 -16.01 6.90 15.27
C LEU B 258 -14.99 5.87 15.72
N LEU B 259 -13.74 6.33 15.84
CA LEU B 259 -12.61 5.57 16.38
C LEU B 259 -12.10 6.30 17.61
N ILE B 260 -12.07 5.60 18.75
CA ILE B 260 -11.47 6.07 20.00
C ILE B 260 -10.29 5.14 20.35
N CYS B 261 -9.10 5.71 20.52
CA CYS B 261 -7.89 4.99 21.00
C CYS B 261 -7.62 5.43 22.45
N ILE B 262 -7.39 4.45 23.32
CA ILE B 262 -7.29 4.67 24.75
C ILE B 262 -6.17 3.84 25.43
N GLY B 263 -5.25 4.53 26.11
CA GLY B 263 -4.32 3.84 27.00
C GLY B 263 -3.31 3.00 26.25
N THR B 264 -2.88 3.54 25.11
CA THR B 264 -1.86 2.90 24.31
C THR B 264 -0.88 3.91 23.66
N SER B 265 0.38 3.46 23.53
CA SER B 265 1.40 4.22 22.81
C SER B 265 1.25 4.01 21.31
N LEU B 266 0.48 2.96 20.89
CA LEU B 266 0.29 2.69 19.47
C LEU B 266 1.55 2.44 18.69
N LYS B 267 2.41 1.60 19.26
CA LYS B 267 3.70 1.31 18.69
C LYS B 267 3.77 -0.09 18.08
N VAL B 268 2.66 -0.85 18.11
CA VAL B 268 2.67 -2.24 17.64
C VAL B 268 1.70 -2.42 16.49
N ALA B 269 2.24 -2.82 15.33
CA ALA B 269 1.48 -3.15 14.11
C ALA B 269 1.14 -4.69 14.12
N PRO B 270 0.07 -5.10 13.42
CA PRO B 270 -0.87 -4.21 12.73
C PRO B 270 -1.91 -3.42 13.54
N VAL B 271 -2.09 -3.61 14.86
CA VAL B 271 -3.06 -2.82 15.60
C VAL B 271 -2.88 -1.30 15.32
N SER B 272 -1.65 -0.87 15.30
CA SER B 272 -1.33 0.55 15.13
C SER B 272 -1.79 1.07 13.74
N GLU B 273 -2.01 0.18 12.79
CA GLU B 273 -2.45 0.57 11.45
C GLU B 273 -3.92 0.81 11.34
N ILE B 274 -4.67 0.53 12.42
CA ILE B 274 -6.10 0.69 12.40
C ILE B 274 -6.41 2.15 12.07
N VAL B 275 -5.54 3.03 12.52
CA VAL B 275 -5.75 4.46 12.29
C VAL B 275 -5.66 4.81 10.86
N ASN B 276 -4.91 4.02 10.08
CA ASN B 276 -4.76 4.30 8.67
C ASN B 276 -5.76 3.57 7.81
N MSE B 277 -6.37 2.51 8.36
CA MSE B 277 -7.25 1.64 7.60
C MSE B 277 -8.68 2.16 7.59
O MSE B 277 -9.38 2.06 6.55
CB MSE B 277 -7.24 0.24 8.18
CG MSE B 277 -6.00 -0.50 7.82
SE MSE B 277 -6.03 -2.36 8.37
CE MSE B 277 -6.20 -1.99 10.20
N VAL B 278 -9.11 2.63 8.74
CA VAL B 278 -10.37 3.35 8.90
C VAL B 278 -10.51 4.46 7.82
N PRO B 279 -11.71 4.69 7.25
CA PRO B 279 -11.80 5.69 6.19
C PRO B 279 -11.57 7.12 6.70
N SER B 280 -10.92 7.90 5.84
CA SER B 280 -10.33 9.16 6.24
C SER B 280 -11.36 10.15 6.78
N HIS B 281 -12.63 10.00 6.38
CA HIS B 281 -13.69 10.89 6.91
C HIS B 281 -14.09 10.57 8.39
N VAL B 282 -13.64 9.44 8.91
CA VAL B 282 -14.02 9.06 10.26
C VAL B 282 -13.21 9.73 11.37
N PRO B 283 -13.91 10.38 12.30
CA PRO B 283 -13.26 11.07 13.41
C PRO B 283 -12.50 10.11 14.27
N GLN B 284 -11.28 10.49 14.63
CA GLN B 284 -10.42 9.69 15.49
C GLN B 284 -10.05 10.52 16.75
N VAL B 285 -10.38 9.93 17.89
CA VAL B 285 -10.09 10.50 19.20
C VAL B 285 -9.09 9.65 19.99
N LEU B 286 -8.12 10.32 20.62
CA LEU B 286 -7.18 9.73 21.61
C LEU B 286 -7.51 10.14 23.03
N ILE B 287 -7.49 9.19 23.95
CA ILE B 287 -7.55 9.40 25.40
C ILE B 287 -6.34 8.69 25.95
N ASN B 288 -5.37 9.42 26.45
CA ASN B 288 -4.13 8.81 26.87
C ASN B 288 -3.35 9.78 27.72
N ARG B 289 -2.45 9.29 28.54
CA ARG B 289 -1.63 10.19 29.34
C ARG B 289 -0.68 11.05 28.46
N ASP B 290 -0.22 10.49 27.36
CA ASP B 290 0.77 11.14 26.52
C ASP B 290 0.21 11.23 25.15
N PRO B 291 0.58 12.27 24.41
CA PRO B 291 0.24 12.34 22.98
C PRO B 291 0.90 11.18 22.22
N VAL B 292 0.32 10.82 21.09
CA VAL B 292 0.90 9.85 20.21
C VAL B 292 1.50 10.64 19.00
N LYS B 293 2.80 10.81 18.99
CA LYS B 293 3.46 11.67 18.02
C LYS B 293 3.36 11.25 16.56
N HIS B 294 3.24 9.94 16.32
CA HIS B 294 3.26 9.47 14.91
C HIS B 294 1.86 9.33 14.34
N ALA B 295 0.88 9.86 15.07
CA ALA B 295 -0.49 9.84 14.64
C ALA B 295 -1.03 11.24 14.70
N GLU B 296 -2.11 11.44 13.97
CA GLU B 296 -2.76 12.71 13.80
C GLU B 296 -4.22 12.48 14.17
N PHE B 297 -4.50 12.51 15.47
CA PHE B 297 -5.83 12.39 16.01
C PHE B 297 -6.56 13.71 15.78
N ASP B 298 -7.87 13.64 15.63
CA ASP B 298 -8.72 14.83 15.48
C ASP B 298 -8.82 15.53 16.82
N LEU B 299 -8.94 14.75 17.89
CA LEU B 299 -9.01 15.27 19.25
C LEU B 299 -8.17 14.40 20.14
N SER B 300 -7.36 15.04 20.97
CA SER B 300 -6.59 14.35 21.98
C SER B 300 -6.96 14.85 23.35
N LEU B 301 -7.26 13.91 24.23
CA LEU B 301 -7.60 14.16 25.64
C LEU B 301 -6.53 13.53 26.51
N LEU B 302 -5.71 14.40 27.09
CA LEU B 302 -4.43 13.99 27.69
C LEU B 302 -4.59 13.97 29.18
N GLY B 303 -4.47 12.78 29.77
CA GLY B 303 -4.67 12.55 31.20
C GLY B 303 -4.96 11.07 31.49
N TYR B 304 -5.50 10.80 32.67
CA TYR B 304 -5.93 9.47 33.10
C TYR B 304 -7.25 9.01 32.43
N CYS B 305 -7.26 7.80 31.85
CA CYS B 305 -8.43 7.39 31.08
C CYS B 305 -9.71 7.23 31.91
N ASP B 306 -9.57 6.86 33.18
CA ASP B 306 -10.71 6.64 34.04
C ASP B 306 -11.43 7.95 34.31
N ASP B 307 -10.65 8.99 34.62
CA ASP B 307 -11.05 10.37 34.72
C ASP B 307 -11.63 10.96 33.44
N ILE B 308 -10.96 10.79 32.34
CA ILE B 308 -11.52 11.32 31.12
C ILE B 308 -12.83 10.59 30.76
N ALA B 309 -12.91 9.26 30.97
CA ALA B 309 -14.17 8.51 30.73
C ALA B 309 -15.35 9.09 31.51
N ALA B 310 -15.12 9.35 32.79
CA ALA B 310 -16.14 9.80 33.66
C ALA B 310 -16.64 11.16 33.15
N MSE B 311 -15.70 12.07 33.06
CA MSE B 311 -15.94 13.32 32.46
C MSE B 311 -16.77 13.26 31.19
O MSE B 311 -17.75 14.00 31.10
CB MSE B 311 -14.60 14.00 32.18
CG MSE B 311 -14.72 15.47 32.27
SE MSE B 311 -13.69 16.29 30.95
CE MSE B 311 -14.92 15.74 29.42
N VAL B 312 -16.36 12.45 30.22
CA VAL B 312 -17.09 12.30 28.94
C VAL B 312 -18.53 11.75 29.10
N ALA B 313 -18.65 10.62 29.79
CA ALA B 313 -19.98 10.07 30.15
C ALA B 313 -20.89 11.15 30.71
N GLN B 314 -20.36 11.86 31.71
CA GLN B 314 -21.07 12.93 32.42
C GLN B 314 -21.53 14.07 31.49
N LYS B 315 -20.62 14.61 30.69
CA LYS B 315 -21.01 15.62 29.71
C LYS B 315 -22.10 15.09 28.76
N CYS B 316 -22.09 13.78 28.53
CA CYS B 316 -23.09 13.10 27.72
C CYS B 316 -24.45 12.89 28.44
N GLY B 317 -24.51 13.12 29.75
CA GLY B 317 -25.65 12.76 30.59
C GLY B 317 -25.82 11.25 30.81
N TRP B 318 -24.76 10.50 30.61
CA TRP B 318 -24.68 9.07 30.83
C TRP B 318 -24.00 8.70 32.16
N THR B 319 -24.12 7.43 32.54
CA THR B 319 -23.48 6.88 33.75
C THR B 319 -22.58 5.67 33.39
N ILE B 320 -21.59 5.40 34.21
CA ILE B 320 -20.59 4.33 33.92
C ILE B 320 -20.96 3.27 34.94
N PRO B 321 -21.35 2.06 34.50
CA PRO B 321 -21.81 1.01 35.44
C PRO B 321 -20.61 0.38 36.11
N HIS B 322 -20.02 1.10 37.05
CA HIS B 322 -18.87 0.62 37.79
C HIS B 322 -18.91 1.29 39.14
N LYS B 323 -18.34 0.64 40.15
CA LYS B 323 -18.48 1.06 41.53
C LYS B 323 -17.96 2.46 41.79
N LYS B 324 -16.97 2.88 41.01
CA LYS B 324 -16.19 4.06 41.37
C LYS B 324 -16.85 5.32 40.84
N TRP B 325 -18.05 5.17 40.31
CA TRP B 325 -18.65 6.17 39.45
C TRP B 325 -19.15 7.41 40.22
N ASN B 326 -19.97 7.19 41.24
CA ASN B 326 -19.96 8.05 42.42
C ASN B 326 -18.57 8.21 43.01
N ASP B 327 -18.08 9.45 43.01
CA ASP B 327 -16.66 9.71 43.24
C ASP B 327 -15.98 10.33 42.03
N LEU B 328 -15.85 9.54 40.96
CA LEU B 328 -15.32 10.05 39.70
C LEU B 328 -16.22 11.15 39.13
N LYS B 329 -17.53 10.97 39.28
CA LYS B 329 -18.49 11.92 38.73
C LYS B 329 -18.56 13.19 39.56
N ASN B 330 -18.02 13.14 40.77
CA ASN B 330 -18.13 14.27 41.71
C ASN B 330 -16.87 15.08 41.81
N LYS B 331 -16.06 14.93 40.80
CA LYS B 331 -14.81 15.62 40.78
C LYS B 331 -15.10 16.97 40.04
N ASN B 332 -14.10 17.83 40.25
CA ASN B 332 -13.83 19.00 39.39
C ASN B 332 -12.78 18.68 38.27
N PHE B 333 -13.26 18.48 37.04
CA PHE B 333 -12.43 18.33 35.83
C PHE B 333 -12.03 19.69 35.22
N LYS B 334 -10.74 19.84 34.97
CA LYS B 334 -10.13 20.95 34.24
C LYS B 334 -9.74 20.54 32.83
N CYS B 335 -10.23 21.21 31.81
CA CYS B 335 -9.85 20.96 30.42
C CYS B 335 -9.11 22.17 29.83
N GLN B 336 -7.78 22.15 29.88
CA GLN B 336 -6.96 23.25 29.32
C GLN B 336 -6.71 23.02 27.85
N GLU B 337 -7.19 23.93 27.01
CA GLU B 337 -6.76 23.89 25.62
C GLU B 337 -5.24 24.08 25.57
N LYS B 338 -4.62 23.48 24.56
CA LYS B 338 -3.16 23.43 24.48
C LYS B 338 -2.69 23.20 23.05
N ASP B 339 -3.13 24.07 22.14
CA ASP B 339 -3.15 23.75 20.72
C ASP B 339 -4.50 23.18 20.30
N LYS B 340 -4.89 23.44 19.06
CA LYS B 340 -6.21 23.05 18.57
C LYS B 340 -6.38 21.54 18.59
N GLY B 341 -7.53 21.09 19.07
CA GLY B 341 -7.81 19.66 19.16
C GLY B 341 -7.01 18.88 20.19
N VAL B 342 -6.49 19.60 21.19
CA VAL B 342 -5.67 19.00 22.24
C VAL B 342 -6.00 19.59 23.60
N TYR B 343 -6.45 18.76 24.53
CA TYR B 343 -6.76 19.19 25.89
C TYR B 343 -5.95 18.42 26.92
N VAL B 344 -5.37 19.13 27.89
CA VAL B 344 -4.80 18.53 29.09
C VAL B 344 -5.88 18.44 30.17
N VAL B 345 -6.37 17.23 30.44
CA VAL B 345 -7.39 17.04 31.47
C VAL B 345 -6.78 16.63 32.82
N THR B 346 -7.00 17.43 33.86
CA THR B 346 -6.65 17.09 35.25
C THR B 346 -7.88 17.22 36.15
N SER B 347 -7.68 16.91 37.43
CA SER B 347 -8.70 16.98 38.47
C SER B 347 -8.07 16.54 39.77
ZN ZN C . 10.76 32.00 -19.53
CH XYQ D . 10.33 8.11 -20.50
CH3 XYQ D . 10.66 8.80 -21.72
OH XYQ D . 10.30 6.71 -20.52
C1N XYQ D . 10.48 6.08 -21.80
C2N XYQ D . 9.06 5.75 -22.26
C3N XYQ D . 8.81 4.41 -21.66
O3N XYQ D . 8.11 4.59 -20.40
O2N XYQ D . 8.06 6.73 -22.09
O4N XYQ D . 11.09 4.94 -21.32
C4N XYQ D . 10.14 3.88 -21.25
C5N XYQ D . 10.49 2.81 -22.31
O5N XYQ D . 9.77 1.61 -22.04
PN XYQ D . 8.91 0.84 -23.20
ON2 XYQ D . 8.15 1.80 -24.00
ON1 XYQ D . 8.33 -0.31 -22.54
ON3 XYQ D . 10.12 0.41 -24.18
PA XYQ D . 11.10 -0.86 -23.97
OA2 XYQ D . 12.11 -0.62 -25.04
O5A XYQ D . 10.22 -2.13 -24.19
C5A XYQ D . 9.75 -2.51 -25.50
C4A XYQ D . 9.09 -3.85 -25.38
O4A XYQ D . 8.33 -4.17 -26.56
C1A XYQ D . 8.87 -5.37 -27.18
N9 XYQ D . 8.67 -5.24 -28.62
C8 XYQ D . 9.36 -4.49 -29.52
N7 XYQ D . 8.75 -4.59 -30.74
C5 XYQ D . 7.69 -5.37 -30.55
C4 XYQ D . 7.62 -5.71 -29.25
N3 XYQ D . 6.60 -6.56 -28.72
C2 XYQ D . 5.62 -6.96 -29.56
N1 XYQ D . 5.69 -6.54 -30.85
C6 XYQ D . 6.67 -5.80 -31.34
N6 XYQ D . 6.76 -5.34 -32.63
C2A XYQ D . 10.24 -5.70 -26.54
C3A XYQ D . 10.21 -4.88 -25.25
O3A XYQ D . 9.67 -5.75 -24.22
O2A XYQ D . 10.39 -7.08 -26.40
OA1 XYQ D . 11.61 -0.96 -22.54
N1 NCA E . 13.58 6.34 -30.90
C2 NCA E . 12.53 7.18 -31.14
C3 NCA E . 11.44 7.25 -30.25
C4 NCA E . 11.48 6.45 -29.10
C5 NCA E . 12.57 5.61 -28.89
C6 NCA E . 13.60 5.57 -29.81
C7 NCA E . 10.24 8.18 -30.48
O7 NCA E . 9.43 8.26 -29.58
N7 NCA E . 10.04 8.86 -31.64
ZN ZN F . 2.40 -31.87 21.67
CH XYQ G . 2.36 -7.98 22.65
CH3 XYQ G . 2.26 -8.73 23.85
OH XYQ G . 2.41 -6.56 22.67
C1N XYQ G . 2.20 -5.94 23.97
C2N XYQ G . 0.71 -5.62 24.02
C3N XYQ G . 0.66 -4.27 23.38
O3N XYQ G . 0.38 -4.42 21.99
O2N XYQ G . -0.19 -6.58 23.55
O4N XYQ G . 2.95 -4.79 23.69
C4N XYQ G . 2.07 -3.76 23.36
C5N XYQ G . 2.24 -2.79 24.52
O5N XYQ G . 1.72 -1.58 24.10
PN XYQ G . 0.66 -0.73 24.98
ON2 XYQ G . -0.37 -1.73 25.46
ON1 XYQ G . 0.25 0.45 24.20
ON3 XYQ G . 1.46 -0.33 26.30
PA XYQ G . 2.56 0.80 26.46
OA2 XYQ G . 3.23 0.72 27.79
O5A XYQ G . 1.72 2.13 26.38
C5A XYQ G . 0.66 2.33 27.33
C4A XYQ G . 0.23 3.78 27.17
O4A XYQ G . -0.82 4.10 28.08
C1A XYQ G . -0.44 5.21 28.87
N9 XYQ G . -0.99 5.03 30.20
C8 XYQ G . -0.54 4.34 31.27
N7 XYQ G . -1.49 4.46 32.26
C5 XYQ G . -2.47 5.24 31.80
C4 XYQ G . -2.15 5.57 30.55
N3 XYQ G . -2.99 6.38 29.74
C2 XYQ G . -4.15 6.84 30.28
N1 XYQ G . -4.49 6.52 31.52
C6 XYQ G . -3.69 5.74 32.27
N6 XYQ G . -4.01 5.41 33.53
C2A XYQ G . 1.03 5.52 28.67
C3A XYQ G . 1.38 4.74 27.43
O3A XYQ G . 1.26 5.70 26.41
O2A XYQ G . 1.23 6.91 28.59
OA1 XYQ G . 3.42 0.97 25.21
N1 NCA H . 1.94 -5.52 31.07
C2 NCA H . 3.15 -5.74 31.58
C3 NCA H . 3.32 -6.57 32.68
C4 NCA H . 2.21 -7.18 33.25
C5 NCA H . 0.97 -6.93 32.69
C6 NCA H . 0.85 -6.09 31.58
C7 NCA H . 4.65 -6.85 33.31
O7 NCA H . 5.51 -7.42 32.67
N7 NCA H . 4.84 -6.50 34.57
#